data_7AT1
#
_entry.id   7AT1
#
_cell.length_a   122.500
_cell.length_b   122.500
_cell.length_c   156.500
_cell.angle_alpha   90.00
_cell.angle_beta   90.00
_cell.angle_gamma   120.00
#
_symmetry.space_group_name_H-M   'P 3 2 1'
#
loop_
_entity.id
_entity.type
_entity.pdbx_description
1 polymer 'ASPARTATE CARBAMOYLTRANSFERASE (R STATE), CATALYTIC CHAIN'
2 polymer 'ASPARTATE CARBAMOYLTRANSFERASE REGULATORY CHAIN'
3 branched alpha-D-glucopyranose-(1-4)-alpha-D-glucopyranose
4 non-polymer PHOSPHONOACETAMIDE
5 non-polymer 'ZINC ION'
6 non-polymer "ADENOSINE-5'-TRIPHOSPHATE"
#
loop_
_entity_poly.entity_id
_entity_poly.type
_entity_poly.pdbx_seq_one_letter_code
_entity_poly.pdbx_strand_id
1 'polypeptide(L)'
;ANPLYQKHIISINDLSRDDLNLVLATAAKLKANPQPELLKHKVIASCFFEASTRTRLSFQTSMHRLGASVVGFSDSANTS
LGKKGETLADTISVISTYVDAIVMRHPQEGAARLATEFSGNVPVLNAGDGSNQHPTQTLLDLFTIQQTEGRLDNLHVAMV
GDLKYGRTVHSLTQALAKFDGNRFYFIAPDALAMPEYILDMLDEKGIAWSLHSSIEEVMAEVDILYMTRVQKERLDPSEY
ANVKAQFVLRASDLHNAKANMKVLHPLPRVDEIATDVDKTPHAWYFQQAGNGIFARQALLALVLNRDLVL
;
A,C
2 'polypeptide(L)'
;MTHDNKLGVEAIKRGTVIDHIPAQIGFKLLSLFKLTETDQRITIGLNLPSGEMGRKDLIKIENTFLSEDQVDQLALYAPQ
ATVNRIDNYEVVGKSRPSLPERIDNVLVCPNSNCISHAEPVSSSFAVRKRANDIALKCKYCEKEFSHNVVLAN
;
B,D
#
loop_
_chem_comp.id
_chem_comp.type
_chem_comp.name
_chem_comp.formula
ATP non-polymer ADENOSINE-5'-TRIPHOSPHATE 'C10 H16 N5 O13 P3'
GLC D-saccharide, alpha linking alpha-D-glucopyranose 'C6 H12 O6'
PCT non-polymer PHOSPHONOACETAMIDE 'C2 H6 N O4 P'
ZN non-polymer 'ZINC ION' 'Zn 2'
#
# COMPACT_ATOMS: atom_id res chain seq x y z
N ALA A 1 -47.06 -8.70 15.99
CA ALA A 1 -47.02 -8.06 14.70
C ALA A 1 -46.64 -9.23 13.78
N ASN A 2 -46.79 -9.09 12.45
CA ASN A 2 -46.49 -10.16 11.51
C ASN A 2 -45.00 -10.49 11.60
N PRO A 3 -44.53 -11.66 11.24
CA PRO A 3 -43.13 -12.12 11.43
C PRO A 3 -41.93 -11.27 10.96
N LEU A 4 -42.13 -10.39 9.98
CA LEU A 4 -41.08 -9.62 9.38
C LEU A 4 -41.16 -8.16 9.78
N TYR A 5 -42.03 -7.76 10.71
CA TYR A 5 -42.13 -6.34 11.05
C TYR A 5 -40.78 -5.73 11.49
N GLN A 6 -40.40 -4.51 11.10
CA GLN A 6 -39.10 -3.89 11.38
C GLN A 6 -37.84 -4.70 11.08
N LYS A 7 -37.99 -5.84 10.41
CA LYS A 7 -36.85 -6.70 10.15
C LYS A 7 -35.90 -6.19 9.07
N HIS A 8 -34.58 -6.37 9.17
CA HIS A 8 -33.72 -6.03 8.06
C HIS A 8 -33.87 -7.18 7.07
N ILE A 9 -33.84 -6.98 5.72
CA ILE A 9 -33.83 -8.10 4.77
C ILE A 9 -32.50 -8.01 4.01
N ILE A 10 -31.44 -8.64 4.55
CA ILE A 10 -30.07 -8.52 4.02
C ILE A 10 -29.68 -9.74 3.18
N SER A 11 -29.99 -10.96 3.59
CA SER A 11 -29.63 -12.19 2.90
C SER A 11 -30.70 -13.25 3.06
N ILE A 12 -30.84 -14.08 2.02
CA ILE A 12 -31.76 -15.20 1.95
C ILE A 12 -31.40 -16.23 3.00
N ASN A 13 -30.11 -16.33 3.29
CA ASN A 13 -29.61 -17.25 4.29
C ASN A 13 -30.14 -16.93 5.67
N ASP A 14 -30.74 -15.78 5.95
CA ASP A 14 -31.31 -15.57 7.27
C ASP A 14 -32.84 -15.72 7.25
N LEU A 15 -33.50 -16.02 6.12
CA LEU A 15 -34.95 -16.18 6.09
C LEU A 15 -35.35 -17.65 6.15
N SER A 16 -36.57 -17.97 6.60
CA SER A 16 -37.06 -19.35 6.64
C SER A 16 -38.04 -19.56 5.51
N ARG A 17 -38.33 -20.85 5.24
CA ARG A 17 -39.29 -21.25 4.21
C ARG A 17 -40.60 -20.54 4.54
N ASP A 18 -40.84 -20.45 5.84
CA ASP A 18 -41.99 -19.75 6.39
C ASP A 18 -42.03 -18.31 5.95
N ASP A 19 -40.94 -17.55 6.19
CA ASP A 19 -40.88 -16.14 5.76
C ASP A 19 -41.14 -15.96 4.28
N LEU A 20 -40.42 -16.76 3.47
CA LEU A 20 -40.49 -16.73 2.02
C LEU A 20 -41.91 -16.95 1.55
N ASN A 21 -42.56 -17.95 2.13
CA ASN A 21 -43.95 -18.26 1.85
C ASN A 21 -44.91 -17.20 2.24
N LEU A 22 -44.64 -16.56 3.37
CA LEU A 22 -45.44 -15.43 3.82
C LEU A 22 -45.33 -14.31 2.81
N VAL A 23 -44.13 -13.88 2.38
CA VAL A 23 -43.99 -12.77 1.44
C VAL A 23 -44.74 -13.02 0.13
N LEU A 24 -44.68 -14.25 -0.35
CA LEU A 24 -45.36 -14.60 -1.56
C LEU A 24 -46.87 -14.60 -1.42
N ALA A 25 -47.40 -14.91 -0.24
CA ALA A 25 -48.85 -14.90 -0.07
C ALA A 25 -49.35 -13.46 0.03
N THR A 26 -48.63 -12.60 0.72
CA THR A 26 -48.96 -11.18 0.79
C THR A 26 -48.93 -10.64 -0.64
N ALA A 27 -47.93 -11.07 -1.44
CA ALA A 27 -47.82 -10.67 -2.83
C ALA A 27 -49.05 -11.03 -3.68
N ALA A 28 -49.49 -12.27 -3.56
CA ALA A 28 -50.72 -12.72 -4.23
C ALA A 28 -51.98 -12.01 -3.71
N LYS A 29 -52.01 -11.66 -2.41
CA LYS A 29 -53.11 -10.89 -1.87
C LYS A 29 -53.17 -9.52 -2.51
N LEU A 30 -52.04 -8.81 -2.39
CA LEU A 30 -51.83 -7.45 -2.89
C LEU A 30 -52.03 -7.34 -4.37
N LYS A 31 -51.66 -8.40 -5.10
CA LYS A 31 -51.81 -8.43 -6.55
C LYS A 31 -53.30 -8.42 -6.82
N ALA A 32 -54.02 -9.22 -6.02
CA ALA A 32 -55.46 -9.30 -6.12
C ALA A 32 -56.12 -8.03 -5.59
N ASN A 33 -55.60 -7.42 -4.53
CA ASN A 33 -56.33 -6.30 -3.95
C ASN A 33 -55.41 -5.24 -3.38
N PRO A 34 -55.21 -4.23 -4.22
CA PRO A 34 -54.29 -3.15 -4.03
C PRO A 34 -54.63 -2.39 -2.77
N GLN A 35 -53.64 -1.94 -1.99
CA GLN A 35 -53.95 -1.12 -0.83
C GLN A 35 -53.30 0.27 -0.90
N PRO A 36 -53.79 1.27 -1.65
CA PRO A 36 -53.08 2.52 -2.00
C PRO A 36 -52.60 3.48 -0.91
N GLU A 37 -53.17 3.27 0.24
CA GLU A 37 -52.86 4.13 1.36
C GLU A 37 -52.08 3.32 2.36
N LEU A 38 -51.71 2.09 2.07
CA LEU A 38 -51.10 1.23 3.04
C LEU A 38 -49.86 1.81 3.67
N LEU A 39 -49.16 2.74 3.07
CA LEU A 39 -47.95 3.28 3.63
C LEU A 39 -47.96 4.81 3.61
N LYS A 40 -49.19 5.34 3.59
CA LYS A 40 -49.48 6.76 3.65
C LYS A 40 -48.79 7.34 4.90
N HIS A 41 -48.00 8.39 4.71
CA HIS A 41 -47.15 9.03 5.74
C HIS A 41 -45.80 8.35 6.04
N LYS A 42 -45.33 7.43 5.20
CA LYS A 42 -44.02 6.82 5.39
C LYS A 42 -43.04 7.44 4.41
N VAL A 43 -41.79 7.74 4.80
CA VAL A 43 -40.79 8.15 3.83
C VAL A 43 -39.66 7.11 3.78
N ILE A 44 -39.36 6.51 2.60
CA ILE A 44 -38.32 5.47 2.40
C ILE A 44 -37.16 6.12 1.63
N ALA A 45 -35.88 5.80 1.89
CA ALA A 45 -34.77 6.35 1.13
C ALA A 45 -34.47 5.32 0.07
N SER A 46 -34.16 5.66 -1.15
CA SER A 46 -33.78 4.73 -2.15
C SER A 46 -32.30 5.04 -2.39
N CYS A 47 -31.33 4.44 -1.69
CA CYS A 47 -29.92 4.75 -1.83
C CYS A 47 -29.16 3.79 -2.72
N PHE A 48 -29.01 4.17 -3.97
CA PHE A 48 -28.32 3.31 -4.91
C PHE A 48 -26.98 3.95 -5.22
N PHE A 49 -25.93 3.27 -4.83
CA PHE A 49 -24.54 3.63 -5.05
C PHE A 49 -24.02 2.80 -6.21
N GLU A 50 -24.89 2.14 -7.01
CA GLU A 50 -24.46 1.33 -8.13
C GLU A 50 -25.63 1.44 -9.11
N ALA A 51 -25.43 1.07 -10.38
CA ALA A 51 -26.40 1.26 -11.44
C ALA A 51 -27.67 0.38 -11.38
N SER A 52 -28.79 0.88 -11.91
CA SER A 52 -30.02 0.13 -11.94
C SER A 52 -31.17 0.73 -12.78
N THR A 53 -32.05 -0.15 -13.21
CA THR A 53 -33.28 0.24 -13.88
C THR A 53 -34.38 -0.45 -13.11
N ARG A 54 -34.49 -1.76 -13.29
CA ARG A 54 -35.43 -2.60 -12.58
C ARG A 54 -35.52 -2.39 -11.07
N THR A 55 -34.67 -2.95 -10.22
CA THR A 55 -34.65 -2.83 -8.76
C THR A 55 -35.03 -1.44 -8.29
N ARG A 56 -34.30 -0.40 -8.62
CA ARG A 56 -34.65 0.92 -8.17
C ARG A 56 -35.96 1.44 -8.64
N LEU A 57 -36.33 1.28 -9.90
CA LEU A 57 -37.59 1.86 -10.30
C LEU A 57 -38.80 1.00 -9.82
N SER A 58 -38.73 -0.33 -9.85
CA SER A 58 -39.81 -1.16 -9.37
C SER A 58 -39.95 -0.85 -7.90
N PHE A 59 -38.87 -0.71 -7.13
CA PHE A 59 -39.00 -0.41 -5.72
C PHE A 59 -39.70 0.90 -5.46
N GLN A 60 -39.28 1.98 -6.11
CA GLN A 60 -39.91 3.27 -5.99
C GLN A 60 -41.36 3.28 -6.46
N THR A 61 -41.74 2.62 -7.56
CA THR A 61 -43.15 2.47 -7.97
C THR A 61 -43.90 1.68 -6.92
N SER A 62 -43.42 0.59 -6.35
CA SER A 62 -44.08 -0.11 -5.26
C SER A 62 -44.33 0.82 -4.08
N MET A 63 -43.38 1.61 -3.58
CA MET A 63 -43.59 2.57 -2.48
C MET A 63 -44.73 3.57 -2.76
N HIS A 64 -44.78 4.15 -3.99
CA HIS A 64 -45.79 5.08 -4.47
C HIS A 64 -47.10 4.37 -4.57
N ARG A 65 -47.09 3.11 -5.00
CA ARG A 65 -48.32 2.34 -5.13
C ARG A 65 -48.85 1.90 -3.80
N LEU A 66 -48.14 2.18 -2.73
CA LEU A 66 -48.71 2.03 -1.40
C LEU A 66 -48.86 3.37 -0.68
N GLY A 67 -48.61 4.52 -1.31
CA GLY A 67 -48.81 5.84 -0.68
C GLY A 67 -47.58 6.48 0.02
N ALA A 68 -46.43 5.83 -0.07
CA ALA A 68 -45.26 6.30 0.63
C ALA A 68 -44.42 7.28 -0.17
N SER A 69 -43.60 8.07 0.52
CA SER A 69 -42.77 9.02 -0.16
C SER A 69 -41.34 8.55 -0.25
N VAL A 70 -40.70 8.87 -1.36
CA VAL A 70 -39.40 8.31 -1.65
C VAL A 70 -38.43 9.47 -1.67
N VAL A 71 -37.30 9.39 -0.98
CA VAL A 71 -36.24 10.39 -1.16
C VAL A 71 -34.99 9.52 -1.50
N GLY A 72 -33.92 10.06 -2.06
CA GLY A 72 -32.74 9.24 -2.20
C GLY A 72 -31.77 9.77 -3.23
N PHE A 73 -31.03 8.87 -3.86
CA PHE A 73 -30.06 9.15 -4.93
C PHE A 73 -29.78 7.86 -5.69
N SER A 74 -29.50 8.05 -6.97
CA SER A 74 -29.11 6.95 -7.86
C SER A 74 -27.66 6.96 -8.29
N ASP A 75 -26.93 7.93 -7.80
CA ASP A 75 -25.55 8.09 -8.11
C ASP A 75 -24.90 8.55 -6.81
N SER A 76 -23.75 8.01 -6.45
CA SER A 76 -22.93 8.42 -5.29
C SER A 76 -22.16 9.75 -5.39
N ALA A 77 -21.78 10.05 -6.63
CA ALA A 77 -21.03 11.24 -7.02
C ALA A 77 -21.43 12.55 -6.37
N ASN A 78 -22.71 12.88 -6.37
CA ASN A 78 -23.14 14.12 -5.77
C ASN A 78 -23.54 13.98 -4.30
N THR A 79 -23.15 12.92 -3.57
CA THR A 79 -23.47 12.92 -2.15
C THR A 79 -22.18 13.46 -1.49
N SER A 80 -22.20 13.75 -0.20
CA SER A 80 -21.00 14.14 0.54
C SER A 80 -20.04 12.94 0.69
N LEU A 81 -20.55 11.72 0.49
CA LEU A 81 -19.72 10.54 0.43
C LEU A 81 -18.98 10.71 -0.89
N GLY A 82 -19.67 11.02 -2.00
CA GLY A 82 -19.03 11.16 -3.28
C GLY A 82 -17.91 12.20 -3.36
N LYS A 83 -18.26 13.46 -3.05
CA LYS A 83 -17.33 14.55 -3.16
C LYS A 83 -16.60 14.98 -1.90
N LYS A 84 -17.12 14.70 -0.72
CA LYS A 84 -16.49 15.29 0.46
C LYS A 84 -15.79 14.29 1.35
N GLY A 85 -15.93 13.03 0.91
CA GLY A 85 -15.28 11.93 1.54
C GLY A 85 -15.86 11.43 2.83
N GLU A 86 -17.17 11.42 3.07
CA GLU A 86 -17.57 10.83 4.36
C GLU A 86 -17.74 9.29 4.39
N THR A 87 -17.64 8.66 5.57
CA THR A 87 -17.79 7.21 5.58
C THR A 87 -19.24 6.80 5.44
N LEU A 88 -19.43 5.69 4.72
CA LEU A 88 -20.74 5.08 4.52
C LEU A 88 -21.54 4.95 5.83
N ALA A 89 -20.81 4.57 6.88
CA ALA A 89 -21.34 4.42 8.21
C ALA A 89 -21.92 5.76 8.68
N ASP A 90 -21.25 6.89 8.47
CA ASP A 90 -21.84 8.17 8.80
C ASP A 90 -22.99 8.54 7.89
N THR A 91 -22.97 8.12 6.61
CA THR A 91 -24.08 8.35 5.68
C THR A 91 -25.34 7.73 6.24
N ILE A 92 -25.24 6.43 6.52
CA ILE A 92 -26.32 5.70 7.10
C ILE A 92 -26.71 6.33 8.45
N SER A 93 -25.77 6.75 9.29
CA SER A 93 -26.17 7.32 10.56
C SER A 93 -27.04 8.56 10.47
N VAL A 94 -26.80 9.51 9.57
CA VAL A 94 -27.68 10.67 9.44
C VAL A 94 -28.96 10.29 8.71
N ILE A 95 -28.94 9.38 7.74
CA ILE A 95 -30.12 9.03 6.96
C ILE A 95 -31.17 8.36 7.80
N SER A 96 -30.69 7.62 8.80
CA SER A 96 -31.53 6.96 9.78
C SER A 96 -32.38 7.95 10.56
N THR A 97 -31.91 9.20 10.77
CA THR A 97 -32.76 10.14 11.45
C THR A 97 -33.72 10.86 10.51
N TYR A 98 -34.00 10.36 9.29
CA TYR A 98 -34.90 11.07 8.40
C TYR A 98 -35.99 10.16 7.87
N VAL A 99 -35.64 8.95 7.44
CA VAL A 99 -36.60 8.05 6.81
C VAL A 99 -37.01 6.89 7.72
N ASP A 100 -38.01 6.14 7.24
CA ASP A 100 -38.51 5.00 7.99
C ASP A 100 -37.93 3.68 7.54
N ALA A 101 -37.43 3.56 6.32
CA ALA A 101 -36.81 2.36 5.82
C ALA A 101 -35.86 2.89 4.73
N ILE A 102 -34.72 2.16 4.55
CA ILE A 102 -33.60 2.44 3.62
C ILE A 102 -33.50 1.29 2.63
N VAL A 103 -33.61 1.47 1.32
CA VAL A 103 -33.39 0.41 0.34
C VAL A 103 -32.01 0.80 -0.10
N MET A 104 -31.04 -0.09 -0.18
CA MET A 104 -29.67 0.27 -0.49
C MET A 104 -29.00 -0.67 -1.50
N ARG A 105 -28.35 -0.11 -2.50
CA ARG A 105 -27.61 -0.94 -3.44
C ARG A 105 -26.17 -0.53 -3.31
N HIS A 106 -25.18 -1.37 -3.16
CA HIS A 106 -23.84 -0.88 -3.00
C HIS A 106 -22.83 -1.82 -3.63
N PRO A 107 -21.75 -1.29 -4.24
CA PRO A 107 -20.73 -2.14 -4.85
C PRO A 107 -19.80 -2.99 -3.99
N GLN A 108 -19.61 -2.77 -2.67
CA GLN A 108 -18.89 -3.73 -1.86
C GLN A 108 -19.81 -4.75 -1.18
N GLU A 109 -19.30 -5.97 -1.13
CA GLU A 109 -19.98 -7.06 -0.48
C GLU A 109 -19.89 -6.80 1.03
N GLY A 110 -21.14 -6.73 1.54
CA GLY A 110 -21.44 -6.53 2.97
C GLY A 110 -21.92 -5.14 3.38
N ALA A 111 -22.09 -4.27 2.38
CA ALA A 111 -22.53 -2.92 2.59
C ALA A 111 -23.85 -2.77 3.31
N ALA A 112 -24.86 -3.56 2.90
CA ALA A 112 -26.15 -3.50 3.59
C ALA A 112 -26.02 -4.05 5.03
N ARG A 113 -25.22 -5.11 5.33
CA ARG A 113 -25.07 -5.55 6.72
C ARG A 113 -24.36 -4.41 7.44
N LEU A 114 -23.34 -3.76 6.87
CA LEU A 114 -22.65 -2.65 7.51
C LEU A 114 -23.68 -1.59 7.89
N ALA A 115 -24.66 -1.32 7.00
CA ALA A 115 -25.68 -0.32 7.28
C ALA A 115 -26.62 -0.67 8.41
N THR A 116 -26.95 -1.94 8.66
CA THR A 116 -27.81 -2.28 9.78
C THR A 116 -27.26 -1.90 11.15
N GLU A 117 -25.96 -1.91 11.28
CA GLU A 117 -25.35 -1.55 12.55
C GLU A 117 -25.62 -0.09 12.93
N PHE A 118 -25.63 0.76 11.86
CA PHE A 118 -25.71 2.19 12.05
C PHE A 118 -27.12 2.65 11.79
N SER A 119 -28.05 1.86 11.26
CA SER A 119 -29.37 2.38 11.03
C SER A 119 -30.22 2.46 12.28
N GLY A 120 -29.69 1.98 13.41
CA GLY A 120 -30.43 2.08 14.67
C GLY A 120 -31.65 1.20 14.53
N ASN A 121 -32.80 1.80 14.53
CA ASN A 121 -34.03 1.02 14.49
C ASN A 121 -34.62 0.89 13.09
N VAL A 122 -34.07 1.56 12.06
CA VAL A 122 -34.68 1.70 10.73
C VAL A 122 -34.29 0.46 9.93
N PRO A 123 -35.21 -0.23 9.22
CA PRO A 123 -34.88 -1.43 8.49
C PRO A 123 -34.19 -1.00 7.22
N VAL A 124 -33.25 -1.87 6.89
CA VAL A 124 -32.41 -1.78 5.72
C VAL A 124 -32.91 -2.90 4.80
N LEU A 125 -33.25 -2.65 3.55
CA LEU A 125 -33.62 -3.72 2.65
C LEU A 125 -32.48 -3.77 1.62
N ASN A 126 -31.86 -4.91 1.44
CA ASN A 126 -30.77 -5.05 0.51
C ASN A 126 -31.20 -5.16 -0.93
N ALA A 127 -30.72 -4.19 -1.72
CA ALA A 127 -31.02 -4.20 -3.16
C ALA A 127 -29.94 -4.81 -4.04
N GLY A 128 -28.85 -5.24 -3.41
CA GLY A 128 -27.79 -5.94 -4.06
C GLY A 128 -26.51 -5.49 -3.44
N ASP A 129 -25.79 -6.32 -2.71
CA ASP A 129 -24.51 -5.84 -2.21
C ASP A 129 -23.33 -6.51 -2.94
N GLY A 130 -22.86 -5.90 -4.02
CA GLY A 130 -21.74 -6.43 -4.77
C GLY A 130 -22.12 -7.75 -5.42
N SER A 131 -21.25 -8.75 -5.38
CA SER A 131 -21.64 -10.03 -5.94
C SER A 131 -22.14 -10.97 -4.87
N ASN A 132 -22.67 -10.45 -3.78
CA ASN A 132 -23.11 -11.35 -2.76
C ASN A 132 -24.60 -11.74 -2.85
N GLN A 133 -25.49 -10.89 -2.38
CA GLN A 133 -26.89 -11.24 -2.25
C GLN A 133 -27.73 -10.21 -2.95
N HIS A 134 -28.92 -10.68 -3.30
CA HIS A 134 -29.93 -9.87 -3.92
C HIS A 134 -31.28 -10.49 -3.51
N PRO A 135 -31.79 -10.31 -2.26
CA PRO A 135 -32.88 -11.14 -1.73
C PRO A 135 -34.21 -10.82 -2.37
N THR A 136 -34.33 -9.55 -2.79
CA THR A 136 -35.50 -9.01 -3.47
C THR A 136 -35.80 -9.64 -4.81
N GLN A 137 -34.72 -9.87 -5.55
CA GLN A 137 -34.76 -10.57 -6.83
C GLN A 137 -35.33 -11.98 -6.63
N THR A 138 -34.73 -12.70 -5.68
CA THR A 138 -35.12 -14.05 -5.31
C THR A 138 -36.60 -14.17 -4.96
N LEU A 139 -37.16 -13.22 -4.22
CA LEU A 139 -38.60 -13.18 -3.92
C LEU A 139 -39.52 -13.01 -5.14
N LEU A 140 -39.16 -12.17 -6.16
CA LEU A 140 -39.97 -12.07 -7.37
C LEU A 140 -39.69 -13.27 -8.25
N ASP A 141 -38.49 -13.89 -8.31
CA ASP A 141 -38.29 -15.09 -9.12
C ASP A 141 -39.14 -16.21 -8.53
N LEU A 142 -39.19 -16.40 -7.18
CA LEU A 142 -40.01 -17.42 -6.53
C LEU A 142 -41.48 -17.15 -6.72
N PHE A 143 -41.92 -15.90 -6.77
CA PHE A 143 -43.30 -15.61 -7.08
C PHE A 143 -43.57 -16.06 -8.51
N THR A 144 -42.76 -15.71 -9.49
CA THR A 144 -42.94 -16.17 -10.87
C THR A 144 -42.86 -17.70 -11.04
N ILE A 145 -41.91 -18.41 -10.45
CA ILE A 145 -41.78 -19.85 -10.52
C ILE A 145 -43.03 -20.52 -9.94
N GLN A 146 -43.54 -20.04 -8.81
CA GLN A 146 -44.75 -20.62 -8.26
C GLN A 146 -45.90 -20.26 -9.20
N GLN A 147 -45.97 -19.02 -9.68
CA GLN A 147 -47.04 -18.60 -10.57
C GLN A 147 -47.03 -19.44 -11.85
N THR A 148 -45.94 -19.97 -12.37
CA THR A 148 -45.99 -20.72 -13.60
C THR A 148 -46.00 -22.20 -13.26
N GLU A 149 -45.11 -22.77 -12.46
CA GLU A 149 -45.08 -24.22 -12.29
C GLU A 149 -46.00 -24.72 -11.19
N GLY A 150 -46.73 -23.84 -10.55
CA GLY A 150 -47.65 -24.28 -9.53
C GLY A 150 -46.98 -24.48 -8.18
N ARG A 151 -45.73 -24.92 -8.16
CA ARG A 151 -45.09 -25.29 -6.93
C ARG A 151 -43.67 -24.76 -6.82
N LEU A 152 -43.12 -24.87 -5.60
CA LEU A 152 -41.76 -24.44 -5.39
C LEU A 152 -40.87 -25.58 -4.94
N ASP A 153 -41.42 -26.80 -4.95
CA ASP A 153 -40.75 -27.99 -4.40
C ASP A 153 -40.75 -28.96 -5.55
N ASN A 154 -39.75 -29.84 -5.62
CA ASN A 154 -39.63 -30.83 -6.68
C ASN A 154 -39.70 -30.28 -8.10
N LEU A 155 -38.87 -29.26 -8.32
CA LEU A 155 -38.66 -28.59 -9.61
C LEU A 155 -37.25 -28.93 -10.11
N HIS A 156 -37.10 -28.93 -11.44
CA HIS A 156 -35.80 -29.10 -12.06
C HIS A 156 -35.32 -27.70 -12.47
N VAL A 157 -34.23 -27.18 -11.89
CA VAL A 157 -33.73 -25.84 -12.15
C VAL A 157 -32.27 -25.77 -12.70
N ALA A 158 -32.12 -25.30 -13.94
CA ALA A 158 -30.78 -25.10 -14.48
C ALA A 158 -30.45 -23.61 -14.44
N MET A 159 -29.28 -23.29 -13.89
CA MET A 159 -28.78 -21.94 -13.77
C MET A 159 -27.55 -21.93 -14.65
N VAL A 160 -27.65 -21.05 -15.63
CA VAL A 160 -26.69 -20.96 -16.71
C VAL A 160 -25.94 -19.62 -16.68
N GLY A 161 -24.62 -19.56 -16.74
CA GLY A 161 -23.98 -18.27 -16.93
C GLY A 161 -22.90 -17.99 -15.89
N ASP A 162 -22.87 -16.78 -15.34
CA ASP A 162 -21.87 -16.44 -14.36
C ASP A 162 -22.39 -16.67 -12.95
N LEU A 163 -22.09 -17.86 -12.45
CA LEU A 163 -22.58 -18.27 -11.15
C LEU A 163 -21.67 -17.78 -10.03
N LYS A 164 -20.42 -17.43 -10.34
CA LYS A 164 -19.45 -16.88 -9.38
C LYS A 164 -19.74 -15.47 -8.80
N TYR A 165 -20.26 -14.58 -9.64
CA TYR A 165 -20.57 -13.19 -9.27
C TYR A 165 -22.06 -12.91 -9.39
N GLY A 166 -22.86 -13.94 -9.70
CA GLY A 166 -24.28 -13.78 -9.84
C GLY A 166 -24.94 -13.71 -8.48
N ARG A 167 -25.04 -12.50 -7.91
CA ARG A 167 -25.73 -12.23 -6.67
C ARG A 167 -27.12 -12.88 -6.73
N THR A 168 -27.76 -12.82 -7.89
CA THR A 168 -29.06 -13.43 -8.12
C THR A 168 -29.05 -14.95 -7.88
N VAL A 169 -28.19 -15.73 -8.51
CA VAL A 169 -28.13 -17.19 -8.34
C VAL A 169 -27.60 -17.59 -6.97
N HIS A 170 -26.64 -16.90 -6.33
CA HIS A 170 -26.26 -17.12 -4.93
C HIS A 170 -27.49 -17.15 -4.00
N SER A 171 -28.36 -16.12 -4.00
CA SER A 171 -29.56 -16.07 -3.17
C SER A 171 -30.64 -17.07 -3.62
N LEU A 172 -30.93 -17.19 -4.90
CA LEU A 172 -31.96 -18.12 -5.35
C LEU A 172 -31.61 -19.58 -5.09
N THR A 173 -30.35 -20.02 -5.24
CA THR A 173 -29.98 -21.37 -4.84
C THR A 173 -30.14 -21.54 -3.35
N GLN A 174 -29.86 -20.56 -2.50
CA GLN A 174 -30.14 -20.69 -1.08
C GLN A 174 -31.65 -20.73 -0.81
N ALA A 175 -32.51 -19.99 -1.53
CA ALA A 175 -33.96 -20.06 -1.26
C ALA A 175 -34.58 -21.39 -1.68
N LEU A 176 -34.30 -21.93 -2.87
CA LEU A 176 -34.87 -23.19 -3.30
C LEU A 176 -34.22 -24.32 -2.54
N ALA A 177 -33.07 -24.20 -1.92
CA ALA A 177 -32.60 -25.32 -1.14
C ALA A 177 -33.42 -25.45 0.15
N LYS A 178 -34.34 -24.53 0.46
CA LYS A 178 -35.28 -24.65 1.59
C LYS A 178 -36.59 -25.37 1.25
N PHE A 179 -36.75 -25.86 0.03
CA PHE A 179 -37.94 -26.60 -0.32
C PHE A 179 -37.49 -28.00 -0.67
N ASP A 180 -38.46 -28.91 -0.58
CA ASP A 180 -38.21 -30.31 -0.85
C ASP A 180 -37.93 -30.70 -2.28
N GLY A 181 -36.89 -31.54 -2.34
CA GLY A 181 -36.50 -32.26 -3.53
C GLY A 181 -36.29 -31.47 -4.80
N ASN A 182 -35.62 -30.32 -4.70
CA ASN A 182 -35.38 -29.51 -5.88
C ASN A 182 -34.09 -29.98 -6.47
N ARG A 183 -34.04 -30.04 -7.78
CA ARG A 183 -32.88 -30.57 -8.48
C ARG A 183 -32.12 -29.49 -9.25
N PHE A 184 -30.80 -29.45 -9.10
CA PHE A 184 -30.00 -28.41 -9.69
C PHE A 184 -29.02 -28.86 -10.76
N TYR A 185 -28.99 -28.07 -11.84
CA TYR A 185 -28.09 -28.26 -12.97
C TYR A 185 -27.37 -26.93 -13.16
N PHE A 186 -26.05 -26.94 -13.03
CA PHE A 186 -25.30 -25.71 -13.09
C PHE A 186 -24.42 -25.78 -14.33
N ILE A 187 -24.60 -24.82 -15.24
CA ILE A 187 -23.89 -24.76 -16.51
C ILE A 187 -23.15 -23.44 -16.45
N ALA A 188 -21.85 -23.39 -16.17
CA ALA A 188 -21.09 -22.14 -16.08
C ALA A 188 -19.74 -22.39 -16.76
N PRO A 189 -18.90 -21.45 -17.18
CA PRO A 189 -17.49 -21.69 -17.43
C PRO A 189 -16.82 -21.94 -16.08
N ASP A 190 -15.67 -22.61 -16.06
CA ASP A 190 -14.92 -22.92 -14.85
C ASP A 190 -14.63 -21.72 -13.98
N ALA A 191 -14.07 -20.72 -14.69
CA ALA A 191 -13.67 -19.46 -14.06
C ALA A 191 -14.78 -18.72 -13.33
N LEU A 192 -16.01 -19.03 -13.76
CA LEU A 192 -17.15 -18.36 -13.22
C LEU A 192 -18.19 -19.34 -12.67
N ALA A 193 -17.63 -20.42 -12.12
CA ALA A 193 -18.42 -21.51 -11.58
C ALA A 193 -19.07 -21.11 -10.26
N MET A 194 -20.09 -21.90 -9.85
CA MET A 194 -20.90 -21.66 -8.67
C MET A 194 -20.05 -21.59 -7.41
N PRO A 195 -20.17 -20.66 -6.48
CA PRO A 195 -19.27 -20.61 -5.32
C PRO A 195 -19.27 -21.89 -4.48
N GLU A 196 -18.11 -22.39 -4.02
CA GLU A 196 -18.03 -23.55 -3.16
C GLU A 196 -18.95 -23.60 -1.95
N TYR A 197 -19.12 -22.51 -1.23
CA TYR A 197 -19.92 -22.58 -0.02
C TYR A 197 -21.35 -22.93 -0.34
N ILE A 198 -21.85 -22.53 -1.51
CA ILE A 198 -23.23 -22.87 -1.88
C ILE A 198 -23.34 -24.39 -2.02
N LEU A 199 -22.32 -24.94 -2.66
CA LEU A 199 -22.27 -26.36 -2.94
C LEU A 199 -22.20 -27.20 -1.67
N ASP A 200 -21.40 -26.77 -0.69
CA ASP A 200 -21.31 -27.43 0.61
C ASP A 200 -22.68 -27.50 1.27
N MET A 201 -23.36 -26.36 1.22
CA MET A 201 -24.68 -26.24 1.80
C MET A 201 -25.67 -27.17 1.10
N LEU A 202 -25.50 -27.33 -0.22
CA LEU A 202 -26.36 -28.24 -0.96
C LEU A 202 -26.14 -29.70 -0.58
N ASP A 203 -24.85 -30.02 -0.38
CA ASP A 203 -24.46 -31.35 0.03
C ASP A 203 -25.05 -31.67 1.41
N GLU A 204 -24.91 -30.77 2.38
CA GLU A 204 -25.45 -30.96 3.72
C GLU A 204 -26.91 -31.25 3.69
N LYS A 205 -27.65 -30.66 2.77
CA LYS A 205 -29.08 -30.88 2.75
C LYS A 205 -29.42 -32.06 1.88
N GLY A 206 -28.42 -32.70 1.29
CA GLY A 206 -28.66 -33.83 0.42
C GLY A 206 -29.39 -33.42 -0.85
N ILE A 207 -29.17 -32.17 -1.32
CA ILE A 207 -29.75 -31.64 -2.55
C ILE A 207 -28.81 -32.13 -3.65
N ALA A 208 -29.40 -32.72 -4.67
CA ALA A 208 -28.65 -33.20 -5.78
C ALA A 208 -28.37 -32.10 -6.78
N TRP A 209 -27.13 -31.88 -7.13
CA TRP A 209 -26.75 -30.91 -8.14
C TRP A 209 -25.85 -31.60 -9.18
N SER A 210 -25.78 -31.12 -10.42
CA SER A 210 -24.90 -31.72 -11.42
C SER A 210 -24.41 -30.66 -12.40
N LEU A 211 -23.11 -30.69 -12.78
CA LEU A 211 -22.55 -29.69 -13.69
C LEU A 211 -22.74 -30.23 -15.09
N HIS A 212 -23.04 -29.36 -16.05
CA HIS A 212 -23.23 -29.77 -17.43
C HIS A 212 -22.57 -28.81 -18.37
N SER A 213 -22.07 -29.36 -19.47
CA SER A 213 -21.43 -28.55 -20.47
C SER A 213 -22.37 -28.03 -21.56
N SER A 214 -23.68 -28.27 -21.44
CA SER A 214 -24.58 -27.88 -22.52
C SER A 214 -26.04 -27.77 -22.10
N ILE A 215 -26.68 -26.78 -22.75
CA ILE A 215 -28.10 -26.50 -22.59
C ILE A 215 -28.83 -27.70 -23.15
N GLU A 216 -28.40 -28.26 -24.28
CA GLU A 216 -29.06 -29.41 -24.89
C GLU A 216 -29.08 -30.61 -23.95
N GLU A 217 -28.05 -30.71 -23.09
CA GLU A 217 -27.97 -31.77 -22.09
C GLU A 217 -29.13 -31.67 -21.10
N VAL A 218 -29.45 -30.46 -20.65
CA VAL A 218 -30.51 -30.34 -19.67
C VAL A 218 -31.87 -30.07 -20.26
N MET A 219 -31.94 -29.61 -21.50
CA MET A 219 -33.16 -29.13 -22.11
C MET A 219 -34.42 -29.93 -21.90
N ALA A 220 -34.35 -31.25 -22.16
CA ALA A 220 -35.54 -32.09 -22.11
C ALA A 220 -36.10 -32.33 -20.71
N GLU A 221 -35.20 -32.14 -19.71
CA GLU A 221 -35.42 -32.39 -18.29
C GLU A 221 -35.92 -31.17 -17.48
N VAL A 222 -35.44 -29.99 -17.82
CA VAL A 222 -35.69 -28.81 -17.01
C VAL A 222 -37.07 -28.15 -17.02
N ASP A 223 -37.49 -27.72 -15.83
CA ASP A 223 -38.73 -26.98 -15.71
C ASP A 223 -38.45 -25.49 -15.82
N ILE A 224 -37.40 -25.02 -15.16
CA ILE A 224 -37.07 -23.60 -15.14
C ILE A 224 -35.65 -23.62 -15.66
N LEU A 225 -35.42 -22.75 -16.62
CA LEU A 225 -34.12 -22.54 -17.19
C LEU A 225 -33.86 -21.07 -16.80
N TYR A 226 -32.90 -20.78 -15.91
CA TYR A 226 -32.62 -19.45 -15.35
C TYR A 226 -31.28 -19.03 -15.92
N MET A 227 -31.31 -18.03 -16.79
CA MET A 227 -30.13 -17.55 -17.51
C MET A 227 -29.57 -16.35 -16.77
N THR A 228 -28.26 -16.14 -16.79
CA THR A 228 -27.72 -14.99 -16.11
C THR A 228 -26.81 -14.21 -17.04
N ARG A 229 -26.44 -12.98 -16.65
CA ARG A 229 -25.51 -12.14 -17.37
C ARG A 229 -24.10 -12.24 -16.77
N VAL A 230 -23.04 -12.23 -17.57
CA VAL A 230 -21.65 -12.26 -17.13
C VAL A 230 -21.48 -10.88 -16.52
N GLN A 231 -21.21 -10.84 -15.22
CA GLN A 231 -21.06 -9.62 -14.46
C GLN A 231 -19.79 -8.94 -14.86
N LYS A 232 -19.85 -8.34 -16.04
CA LYS A 232 -18.74 -7.68 -16.69
C LYS A 232 -17.92 -6.71 -15.80
N GLU A 233 -18.65 -5.87 -15.11
CA GLU A 233 -18.13 -4.89 -14.18
C GLU A 233 -17.30 -5.50 -13.07
N ARG A 234 -17.55 -6.78 -12.75
CA ARG A 234 -16.92 -7.36 -11.61
C ARG A 234 -15.77 -8.28 -11.94
N LEU A 235 -15.50 -8.49 -13.21
CA LEU A 235 -14.45 -9.42 -13.61
C LEU A 235 -13.03 -8.91 -13.36
N ASP A 236 -12.22 -9.80 -12.79
CA ASP A 236 -10.80 -9.56 -12.66
C ASP A 236 -10.19 -9.61 -14.05
N PRO A 237 -9.22 -8.80 -14.47
CA PRO A 237 -8.46 -8.96 -15.69
C PRO A 237 -8.09 -10.36 -16.15
N SER A 238 -7.80 -11.29 -15.24
CA SER A 238 -7.56 -12.69 -15.60
C SER A 238 -8.75 -13.34 -16.30
N GLU A 239 -9.94 -13.02 -15.81
CA GLU A 239 -11.20 -13.60 -16.30
C GLU A 239 -11.67 -13.01 -17.61
N TYR A 240 -10.97 -12.03 -18.23
CA TYR A 240 -11.43 -11.41 -19.46
C TYR A 240 -11.47 -12.29 -20.67
N ALA A 241 -10.96 -13.55 -20.61
CA ALA A 241 -11.19 -14.54 -21.68
C ALA A 241 -12.68 -14.75 -21.85
N ASN A 242 -13.34 -14.96 -20.71
CA ASN A 242 -14.76 -15.14 -20.77
C ASN A 242 -15.59 -13.95 -20.29
N VAL A 243 -15.97 -13.11 -21.24
CA VAL A 243 -16.85 -11.92 -21.05
C VAL A 243 -18.10 -12.09 -21.94
N LYS A 244 -17.89 -12.71 -23.11
CA LYS A 244 -18.98 -13.11 -23.99
C LYS A 244 -19.50 -14.43 -23.44
N ALA A 245 -20.84 -14.49 -23.42
CA ALA A 245 -21.53 -15.64 -22.85
C ALA A 245 -21.32 -16.84 -23.71
N GLN A 246 -20.67 -17.84 -23.12
CA GLN A 246 -20.45 -19.12 -23.75
C GLN A 246 -21.73 -19.78 -24.13
N PHE A 247 -22.71 -19.61 -23.28
CA PHE A 247 -23.95 -20.28 -23.55
C PHE A 247 -24.84 -19.22 -24.11
N VAL A 248 -25.23 -19.23 -25.38
CA VAL A 248 -26.20 -18.25 -25.88
C VAL A 248 -27.41 -19.10 -26.22
N LEU A 249 -28.64 -18.65 -26.04
CA LEU A 249 -29.80 -19.48 -26.28
C LEU A 249 -30.65 -18.92 -27.41
N ARG A 250 -30.86 -19.72 -28.44
CA ARG A 250 -31.67 -19.32 -29.56
C ARG A 250 -32.89 -20.21 -29.56
N ALA A 251 -33.93 -19.73 -30.24
CA ALA A 251 -35.20 -20.44 -30.39
C ALA A 251 -35.16 -21.90 -30.85
N SER A 252 -34.17 -22.24 -31.65
CA SER A 252 -33.94 -23.59 -32.17
C SER A 252 -33.82 -24.70 -31.14
N ASP A 253 -33.16 -24.31 -30.05
CA ASP A 253 -32.90 -25.16 -28.91
C ASP A 253 -34.17 -25.68 -28.23
N LEU A 254 -35.21 -24.86 -28.29
CA LEU A 254 -36.42 -25.24 -27.61
C LEU A 254 -37.15 -26.42 -28.27
N HIS A 255 -36.58 -27.08 -29.29
CA HIS A 255 -37.26 -28.18 -29.96
C HIS A 255 -37.68 -29.37 -29.06
N ASN A 256 -36.82 -29.73 -28.11
CA ASN A 256 -37.03 -30.83 -27.19
C ASN A 256 -37.20 -30.24 -25.76
N ALA A 257 -37.96 -29.14 -25.63
CA ALA A 257 -38.31 -28.58 -24.33
C ALA A 257 -39.74 -28.99 -23.90
N LYS A 258 -39.87 -29.27 -22.59
CA LYS A 258 -41.13 -29.64 -21.92
C LYS A 258 -42.04 -28.43 -22.04
N ALA A 259 -43.28 -28.66 -22.42
CA ALA A 259 -44.24 -27.59 -22.69
C ALA A 259 -44.61 -26.74 -21.51
N ASN A 260 -44.03 -27.00 -20.35
CA ASN A 260 -44.23 -26.18 -19.17
C ASN A 260 -42.94 -25.42 -18.89
N MET A 261 -41.87 -25.60 -19.64
CA MET A 261 -40.59 -25.05 -19.21
C MET A 261 -40.58 -23.53 -19.38
N LYS A 262 -40.12 -22.78 -18.38
CA LYS A 262 -40.00 -21.34 -18.48
C LYS A 262 -38.53 -20.93 -18.45
N VAL A 263 -38.22 -20.00 -19.35
CA VAL A 263 -36.92 -19.36 -19.47
C VAL A 263 -36.97 -18.06 -18.67
N LEU A 264 -36.24 -17.96 -17.58
CA LEU A 264 -36.19 -16.77 -16.75
C LEU A 264 -34.81 -16.12 -16.82
N HIS A 265 -34.76 -14.80 -16.83
CA HIS A 265 -33.51 -14.03 -16.81
C HIS A 265 -33.80 -12.85 -15.86
N PRO A 266 -32.90 -12.61 -14.88
CA PRO A 266 -32.96 -11.45 -13.97
C PRO A 266 -32.94 -10.08 -14.62
N LEU A 267 -32.28 -10.08 -15.80
CA LEU A 267 -32.01 -8.99 -16.73
C LEU A 267 -31.07 -7.95 -16.13
N PRO A 268 -30.30 -7.08 -16.81
CA PRO A 268 -30.12 -7.00 -18.26
C PRO A 268 -29.58 -8.30 -18.84
N ARG A 269 -29.97 -8.44 -20.08
CA ARG A 269 -29.66 -9.57 -20.93
C ARG A 269 -28.68 -8.94 -21.88
N VAL A 270 -27.57 -9.57 -22.26
CA VAL A 270 -26.82 -8.98 -23.35
C VAL A 270 -26.80 -9.94 -24.54
N ASP A 271 -25.81 -10.81 -24.71
CA ASP A 271 -25.83 -11.70 -25.86
C ASP A 271 -26.49 -13.05 -25.63
N GLU A 272 -26.52 -13.51 -24.40
CA GLU A 272 -27.04 -14.81 -24.02
C GLU A 272 -28.46 -15.22 -24.33
N ILE A 273 -29.46 -14.35 -24.55
CA ILE A 273 -30.80 -14.81 -24.89
C ILE A 273 -31.14 -14.07 -26.16
N ALA A 274 -31.12 -14.84 -27.23
CA ALA A 274 -31.29 -14.36 -28.57
C ALA A 274 -32.71 -13.86 -28.83
N THR A 275 -32.96 -12.68 -29.37
CA THR A 275 -34.30 -12.10 -29.50
C THR A 275 -35.43 -12.96 -30.02
N ASP A 276 -35.12 -14.01 -30.80
CA ASP A 276 -36.10 -14.96 -31.32
C ASP A 276 -36.80 -15.78 -30.25
N VAL A 277 -36.19 -15.89 -29.06
CA VAL A 277 -36.79 -16.58 -27.92
C VAL A 277 -37.99 -15.78 -27.34
N ASP A 278 -38.01 -14.47 -27.58
CA ASP A 278 -39.05 -13.58 -27.10
C ASP A 278 -40.42 -13.83 -27.68
N LYS A 279 -40.54 -14.70 -28.67
CA LYS A 279 -41.88 -15.01 -29.15
C LYS A 279 -42.30 -16.46 -28.83
N THR A 280 -41.54 -17.16 -27.99
CA THR A 280 -41.90 -18.54 -27.72
C THR A 280 -42.78 -18.51 -26.48
N PRO A 281 -43.66 -19.49 -26.27
CA PRO A 281 -44.36 -19.70 -25.00
C PRO A 281 -43.49 -19.82 -23.75
N HIS A 282 -42.24 -20.18 -23.99
CA HIS A 282 -41.25 -20.35 -22.93
C HIS A 282 -40.65 -19.08 -22.34
N ALA A 283 -40.64 -17.99 -23.11
CA ALA A 283 -40.04 -16.75 -22.67
C ALA A 283 -40.96 -16.08 -21.63
N TRP A 284 -40.39 -15.88 -20.45
CA TRP A 284 -41.14 -15.35 -19.35
C TRP A 284 -40.48 -14.23 -18.58
N TYR A 285 -39.21 -14.01 -18.92
CA TYR A 285 -38.42 -12.99 -18.25
C TYR A 285 -39.02 -11.59 -18.20
N PHE A 286 -39.80 -11.11 -19.17
CA PHE A 286 -40.35 -9.76 -19.01
C PHE A 286 -41.49 -9.78 -17.99
N GLN A 287 -42.13 -10.94 -17.90
CA GLN A 287 -43.22 -11.19 -16.96
C GLN A 287 -42.68 -11.24 -15.54
N GLN A 288 -41.61 -11.98 -15.40
CA GLN A 288 -40.84 -12.06 -14.19
C GLN A 288 -40.50 -10.62 -13.74
N ALA A 289 -39.99 -9.74 -14.63
CA ALA A 289 -39.63 -8.36 -14.31
C ALA A 289 -40.78 -7.57 -13.66
N GLY A 290 -41.95 -7.66 -14.29
CA GLY A 290 -43.16 -7.00 -13.79
C GLY A 290 -43.66 -7.58 -12.46
N ASN A 291 -43.47 -8.90 -12.26
CA ASN A 291 -43.84 -9.54 -11.00
C ASN A 291 -43.04 -8.96 -9.85
N GLY A 292 -41.96 -8.19 -10.16
CA GLY A 292 -41.22 -7.43 -9.18
C GLY A 292 -42.07 -6.40 -8.43
N ILE A 293 -43.07 -5.79 -9.09
CA ILE A 293 -43.92 -4.81 -8.42
C ILE A 293 -44.63 -5.38 -7.19
N PHE A 294 -45.18 -6.58 -7.38
CA PHE A 294 -45.97 -7.24 -6.36
C PHE A 294 -45.10 -7.77 -5.22
N ALA A 295 -44.02 -8.48 -5.55
CA ALA A 295 -43.16 -9.02 -4.54
C ALA A 295 -42.55 -7.92 -3.72
N ARG A 296 -42.24 -6.79 -4.37
CA ARG A 296 -41.62 -5.69 -3.69
C ARG A 296 -42.62 -5.01 -2.74
N GLN A 297 -43.82 -4.63 -3.19
CA GLN A 297 -44.77 -4.00 -2.29
C GLN A 297 -45.27 -4.93 -1.17
N ALA A 298 -45.23 -6.27 -1.35
CA ALA A 298 -45.52 -7.23 -0.27
C ALA A 298 -44.45 -7.20 0.80
N LEU A 299 -43.17 -7.04 0.42
CA LEU A 299 -42.08 -6.95 1.38
C LEU A 299 -42.14 -5.65 2.21
N LEU A 300 -42.39 -4.56 1.51
CA LEU A 300 -42.44 -3.27 2.16
C LEU A 300 -43.55 -3.19 3.18
N ALA A 301 -44.71 -3.71 2.75
CA ALA A 301 -45.91 -3.73 3.56
C ALA A 301 -45.71 -4.54 4.83
N LEU A 302 -45.09 -5.74 4.77
CA LEU A 302 -44.80 -6.56 5.96
C LEU A 302 -43.82 -5.88 6.91
N VAL A 303 -42.71 -5.40 6.38
CA VAL A 303 -41.68 -4.73 7.16
C VAL A 303 -42.20 -3.42 7.80
N LEU A 304 -43.05 -2.62 7.19
CA LEU A 304 -43.55 -1.42 7.87
C LEU A 304 -44.94 -1.58 8.47
N ASN A 305 -45.63 -2.72 8.35
CA ASN A 305 -46.94 -2.83 8.96
C ASN A 305 -46.98 -3.92 9.99
N ARG A 306 -47.52 -3.61 11.20
CA ARG A 306 -47.67 -4.65 12.21
C ARG A 306 -48.71 -5.68 11.79
N ASP A 307 -49.84 -5.20 11.29
CA ASP A 307 -51.01 -6.00 10.91
C ASP A 307 -50.86 -6.65 9.53
N LEU A 308 -51.03 -7.98 9.49
CA LEU A 308 -50.83 -8.77 8.27
C LEU A 308 -51.96 -8.32 7.35
N VAL A 309 -51.60 -8.16 6.08
CA VAL A 309 -52.54 -7.56 5.17
C VAL A 309 -53.45 -8.68 4.67
N LEU A 310 -54.52 -8.60 5.47
CA LEU A 310 -55.76 -9.33 5.34
C LEU A 310 -55.52 -10.83 5.25
N GLY B 8 13.52 -23.83 35.94
CA GLY B 8 13.06 -24.09 34.58
C GLY B 8 11.79 -23.27 34.56
N VAL B 9 11.66 -22.38 33.58
CA VAL B 9 10.59 -21.39 33.56
C VAL B 9 10.58 -20.66 34.93
N GLU B 10 9.45 -20.34 35.61
CA GLU B 10 9.43 -19.60 36.87
C GLU B 10 8.20 -19.94 37.71
N ALA B 11 8.35 -19.71 39.03
CA ALA B 11 7.24 -19.87 40.01
C ALA B 11 6.45 -18.58 40.18
N ILE B 12 5.13 -18.64 39.98
CA ILE B 12 4.34 -17.43 39.99
C ILE B 12 3.37 -17.53 41.13
N LYS B 13 3.08 -16.29 41.53
CA LYS B 13 2.09 -15.90 42.54
C LYS B 13 0.64 -16.21 42.13
N ARG B 14 0.08 -15.41 41.22
CA ARG B 14 -1.28 -15.50 40.77
C ARG B 14 -1.31 -15.14 39.28
N GLY B 15 -2.13 -15.79 38.43
CA GLY B 15 -2.29 -15.48 37.01
C GLY B 15 -2.79 -16.67 36.17
N THR B 16 -2.32 -16.69 34.91
CA THR B 16 -2.57 -17.67 33.87
C THR B 16 -1.29 -18.26 33.22
N VAL B 17 -1.17 -19.58 33.15
CA VAL B 17 -0.05 -20.29 32.52
C VAL B 17 -0.77 -21.01 31.38
N ILE B 18 -0.52 -20.66 30.12
CA ILE B 18 -1.11 -21.39 29.01
C ILE B 18 -0.01 -22.41 28.81
N ASP B 19 -0.37 -23.64 29.07
CA ASP B 19 0.57 -24.72 28.93
C ASP B 19 0.13 -25.58 27.77
N HIS B 20 1.13 -26.37 27.36
CA HIS B 20 1.09 -27.34 26.27
C HIS B 20 0.83 -26.79 24.85
N ILE B 21 1.53 -25.70 24.51
CA ILE B 21 1.30 -25.07 23.21
C ILE B 21 2.23 -25.83 22.27
N PRO B 22 1.76 -26.38 21.12
CA PRO B 22 2.65 -26.93 20.10
C PRO B 22 3.79 -25.97 19.77
N ALA B 23 5.01 -26.54 19.78
CA ALA B 23 6.20 -25.78 19.41
C ALA B 23 6.05 -25.12 18.04
N GLN B 24 6.53 -23.88 18.05
CA GLN B 24 6.41 -22.87 17.01
C GLN B 24 5.23 -21.98 17.38
N ILE B 25 4.04 -22.53 17.58
CA ILE B 25 2.84 -21.72 17.74
C ILE B 25 2.82 -20.72 18.90
N GLY B 26 3.61 -20.98 19.94
CA GLY B 26 3.77 -20.13 21.11
C GLY B 26 4.05 -18.67 20.82
N PHE B 27 4.93 -18.38 19.84
CA PHE B 27 5.19 -16.99 19.48
C PHE B 27 4.05 -16.35 18.69
N LYS B 28 3.46 -17.18 17.82
CA LYS B 28 2.34 -16.81 16.96
C LYS B 28 1.13 -16.34 17.78
N LEU B 29 0.85 -17.04 18.90
CA LEU B 29 -0.17 -16.68 19.87
C LEU B 29 0.16 -15.32 20.50
N LEU B 30 1.37 -15.09 21.00
CA LEU B 30 1.79 -13.83 21.61
C LEU B 30 1.74 -12.55 20.74
N SER B 31 1.79 -12.79 19.43
CA SER B 31 1.68 -11.71 18.46
C SER B 31 0.23 -11.53 18.03
N LEU B 32 -0.45 -12.65 17.73
CA LEU B 32 -1.83 -12.63 17.29
C LEU B 32 -2.71 -12.06 18.39
N PHE B 33 -2.64 -12.52 19.61
CA PHE B 33 -3.48 -11.92 20.64
C PHE B 33 -2.49 -11.00 21.32
N LYS B 34 -2.81 -9.78 21.67
CA LYS B 34 -1.79 -8.91 22.23
C LYS B 34 -1.19 -9.31 23.61
N LEU B 35 -0.76 -10.55 23.85
CA LEU B 35 -0.35 -11.04 25.16
C LEU B 35 0.88 -10.35 25.70
N THR B 36 1.80 -9.95 24.82
CA THR B 36 2.97 -9.19 25.25
C THR B 36 2.62 -7.72 25.49
N GLU B 37 1.45 -7.19 25.11
CA GLU B 37 1.17 -5.79 25.36
C GLU B 37 0.63 -5.61 26.78
N THR B 38 1.51 -5.67 27.77
CA THR B 38 1.12 -5.57 29.15
C THR B 38 2.30 -5.09 29.98
N ASP B 39 2.10 -4.80 31.27
CA ASP B 39 3.21 -4.48 32.16
C ASP B 39 3.46 -5.64 33.10
N GLN B 40 2.66 -6.70 32.97
CA GLN B 40 2.83 -7.89 33.77
C GLN B 40 4.06 -8.62 33.27
N ARG B 41 4.68 -9.37 34.20
CA ARG B 41 5.86 -10.20 33.91
C ARG B 41 5.41 -11.45 33.14
N ILE B 42 6.10 -11.74 32.03
CA ILE B 42 5.78 -12.90 31.22
C ILE B 42 7.03 -13.75 31.11
N THR B 43 6.92 -15.07 31.06
CA THR B 43 8.07 -15.92 30.90
C THR B 43 7.69 -16.93 29.80
N ILE B 44 8.30 -16.82 28.61
CA ILE B 44 7.99 -17.71 27.51
C ILE B 44 9.13 -18.69 27.46
N GLY B 45 8.77 -19.95 27.29
CA GLY B 45 9.73 -21.00 27.10
C GLY B 45 9.42 -21.60 25.74
N LEU B 46 10.21 -21.25 24.73
CA LEU B 46 10.07 -21.83 23.41
C LEU B 46 11.00 -23.07 23.38
N ASN B 47 10.42 -24.12 22.76
CA ASN B 47 11.04 -25.42 22.50
C ASN B 47 11.44 -26.08 23.80
N LEU B 48 10.44 -26.46 24.59
CA LEU B 48 10.67 -27.17 25.85
C LEU B 48 10.32 -28.64 25.64
N PRO B 49 11.15 -29.61 26.07
CA PRO B 49 10.84 -31.02 26.10
C PRO B 49 9.55 -31.32 26.80
N SER B 50 8.65 -31.98 26.07
CA SER B 50 7.37 -32.36 26.60
C SER B 50 7.24 -33.85 26.79
N GLY B 51 7.77 -34.74 25.92
CA GLY B 51 7.53 -36.18 26.06
C GLY B 51 6.17 -36.53 25.44
N GLU B 52 5.09 -35.95 25.99
CA GLU B 52 3.72 -36.04 25.50
C GLU B 52 3.71 -35.70 24.00
N MET B 53 4.48 -34.68 23.71
CA MET B 53 4.81 -34.24 22.36
C MET B 53 6.32 -34.11 22.49
N GLY B 54 7.13 -34.27 21.43
CA GLY B 54 8.56 -34.02 21.52
C GLY B 54 8.80 -32.63 22.15
N ARG B 55 8.41 -31.57 21.46
CA ARG B 55 8.65 -30.24 21.97
C ARG B 55 7.32 -29.52 22.05
N LYS B 56 7.26 -28.61 23.01
CA LYS B 56 6.12 -27.75 23.23
C LYS B 56 6.68 -26.34 23.48
N ASP B 57 5.77 -25.39 23.73
CA ASP B 57 6.07 -24.02 24.12
C ASP B 57 5.16 -23.83 25.32
N LEU B 58 5.45 -22.85 26.17
CA LEU B 58 4.66 -22.60 27.36
C LEU B 58 4.61 -21.10 27.65
N ILE B 59 3.52 -20.48 28.14
CA ILE B 59 3.55 -19.04 28.39
C ILE B 59 2.97 -18.71 29.76
N LYS B 60 3.70 -18.01 30.62
CA LYS B 60 3.18 -17.71 31.94
C LYS B 60 3.08 -16.22 31.95
N ILE B 61 1.88 -15.79 32.35
CA ILE B 61 1.50 -14.39 32.48
C ILE B 61 1.17 -14.16 33.93
N GLU B 62 1.97 -13.44 34.72
CA GLU B 62 1.67 -13.23 36.12
C GLU B 62 0.69 -12.08 36.27
N ASN B 63 -0.34 -12.41 37.05
CA ASN B 63 -1.45 -11.54 37.46
C ASN B 63 -2.36 -11.04 36.35
N THR B 64 -2.60 -11.98 35.43
CA THR B 64 -3.51 -11.73 34.34
C THR B 64 -4.34 -12.98 34.29
N PHE B 65 -5.62 -12.87 33.90
CA PHE B 65 -6.48 -14.04 33.75
C PHE B 65 -7.12 -13.98 32.37
N LEU B 66 -7.53 -15.11 31.79
CA LEU B 66 -8.20 -15.08 30.50
C LEU B 66 -9.68 -15.40 30.70
N SER B 67 -10.55 -14.98 29.78
CA SER B 67 -11.97 -15.29 29.87
C SER B 67 -12.22 -16.48 28.97
N GLU B 68 -13.36 -17.12 29.16
CA GLU B 68 -13.76 -18.31 28.41
C GLU B 68 -13.68 -18.09 26.90
N ASP B 69 -14.11 -16.94 26.38
CA ASP B 69 -14.01 -16.67 24.93
C ASP B 69 -12.57 -16.57 24.47
N GLN B 70 -11.74 -15.92 25.28
CA GLN B 70 -10.31 -15.74 24.99
C GLN B 70 -9.60 -17.08 24.86
N VAL B 71 -9.95 -17.96 25.84
CA VAL B 71 -9.40 -19.30 25.92
C VAL B 71 -9.82 -20.09 24.69
N ASP B 72 -11.10 -20.03 24.38
CA ASP B 72 -11.62 -20.65 23.17
C ASP B 72 -10.96 -20.25 21.87
N GLN B 73 -10.72 -18.93 21.74
CA GLN B 73 -10.05 -18.34 20.59
C GLN B 73 -8.72 -19.05 20.32
N LEU B 74 -8.06 -19.50 21.39
CA LEU B 74 -6.81 -20.21 21.25
C LEU B 74 -6.98 -21.54 20.52
N ALA B 75 -8.14 -22.19 20.55
CA ALA B 75 -8.35 -23.49 19.91
C ALA B 75 -8.01 -23.50 18.43
N LEU B 76 -8.20 -22.35 17.79
CA LEU B 76 -7.88 -22.13 16.38
C LEU B 76 -6.40 -22.33 16.07
N TYR B 77 -5.49 -22.36 17.05
CA TYR B 77 -4.08 -22.58 16.76
C TYR B 77 -3.61 -23.68 17.68
N ALA B 78 -4.21 -23.73 18.86
CA ALA B 78 -3.79 -24.65 19.89
C ALA B 78 -4.93 -25.23 20.71
N PRO B 79 -5.62 -26.24 20.13
CA PRO B 79 -6.70 -26.96 20.80
C PRO B 79 -6.24 -27.83 21.97
N GLN B 80 -4.99 -28.25 21.96
CA GLN B 80 -4.50 -29.10 23.04
C GLN B 80 -3.87 -28.28 24.17
N ALA B 81 -4.03 -26.97 24.17
CA ALA B 81 -3.37 -26.20 25.19
C ALA B 81 -4.20 -26.26 26.45
N THR B 82 -3.60 -26.37 27.61
CA THR B 82 -4.40 -26.31 28.81
C THR B 82 -4.13 -24.96 29.45
N VAL B 83 -5.14 -24.11 29.52
CA VAL B 83 -4.94 -22.81 30.13
C VAL B 83 -5.20 -23.00 31.63
N ASN B 84 -4.11 -22.99 32.39
CA ASN B 84 -4.18 -23.24 33.81
C ASN B 84 -4.31 -21.92 34.52
N ARG B 85 -5.37 -21.90 35.30
CA ARG B 85 -5.68 -20.78 36.15
C ARG B 85 -4.96 -21.00 37.48
N ILE B 86 -4.28 -19.97 37.99
CA ILE B 86 -3.55 -20.09 39.23
C ILE B 86 -3.97 -18.90 40.05
N ASP B 87 -4.37 -19.21 41.29
CA ASP B 87 -4.65 -18.20 42.31
C ASP B 87 -3.70 -18.62 43.43
N ASN B 88 -2.84 -17.69 43.84
CA ASN B 88 -1.79 -17.85 44.85
C ASN B 88 -1.14 -19.23 44.97
N TYR B 89 -0.35 -19.54 43.95
CA TYR B 89 0.39 -20.78 43.86
C TYR B 89 -0.45 -22.05 43.82
N GLU B 90 -1.78 -21.94 43.79
CA GLU B 90 -2.65 -23.08 43.69
C GLU B 90 -3.23 -23.14 42.29
N VAL B 91 -3.24 -24.37 41.75
CA VAL B 91 -3.92 -24.65 40.49
C VAL B 91 -5.41 -24.74 40.85
N VAL B 92 -6.05 -23.60 40.61
CA VAL B 92 -7.45 -23.39 40.86
C VAL B 92 -8.27 -23.84 39.65
N GLY B 93 -7.76 -23.81 38.42
CA GLY B 93 -8.56 -24.21 37.30
C GLY B 93 -7.70 -24.65 36.16
N LYS B 94 -8.25 -25.52 35.32
CA LYS B 94 -7.63 -26.08 34.15
C LYS B 94 -8.67 -26.00 33.03
N SER B 95 -8.46 -25.08 32.12
CA SER B 95 -9.41 -24.81 31.08
C SER B 95 -8.83 -25.37 29.77
N ARG B 96 -9.69 -25.85 28.88
CA ARG B 96 -9.24 -26.32 27.57
C ARG B 96 -10.11 -25.72 26.50
N PRO B 97 -9.52 -25.16 25.42
CA PRO B 97 -10.21 -24.41 24.37
C PRO B 97 -11.14 -25.17 23.45
N SER B 98 -12.41 -24.74 23.44
CA SER B 98 -13.38 -25.29 22.47
C SER B 98 -13.35 -24.33 21.30
N LEU B 99 -13.88 -24.77 20.13
CA LEU B 99 -13.95 -23.88 19.01
C LEU B 99 -14.81 -22.70 19.43
N PRO B 100 -14.40 -21.47 19.19
CA PRO B 100 -15.26 -20.33 19.40
C PRO B 100 -16.22 -20.34 18.22
N GLU B 101 -17.51 -20.02 18.37
CA GLU B 101 -18.42 -20.00 17.21
C GLU B 101 -18.13 -18.82 16.28
N ARG B 102 -17.47 -17.76 16.78
CA ARG B 102 -17.10 -16.61 15.98
C ARG B 102 -15.81 -15.99 16.51
N ILE B 103 -14.95 -15.41 15.68
CA ILE B 103 -13.75 -14.73 16.18
C ILE B 103 -13.87 -13.31 15.64
N ASP B 104 -13.84 -12.34 16.54
CA ASP B 104 -13.99 -10.98 16.11
C ASP B 104 -12.67 -10.31 16.37
N ASN B 105 -12.48 -9.27 15.58
CA ASN B 105 -11.34 -8.39 15.61
C ASN B 105 -9.96 -8.85 15.15
N VAL B 106 -9.42 -10.03 15.44
CA VAL B 106 -8.03 -10.36 15.05
C VAL B 106 -7.71 -10.65 13.57
N LEU B 107 -8.67 -11.13 12.75
CA LEU B 107 -8.38 -11.63 11.40
C LEU B 107 -8.91 -10.68 10.36
N VAL B 108 -8.30 -10.65 9.18
CA VAL B 108 -8.73 -9.76 8.10
C VAL B 108 -9.32 -10.66 7.01
N CYS B 109 -10.31 -10.17 6.31
CA CYS B 109 -10.95 -10.91 5.25
C CYS B 109 -10.05 -10.88 4.00
N PRO B 110 -9.77 -12.04 3.38
CA PRO B 110 -9.19 -12.06 2.07
C PRO B 110 -10.14 -11.54 1.00
N ASN B 111 -11.40 -11.17 1.27
CA ASN B 111 -12.20 -10.69 0.16
C ASN B 111 -11.80 -9.25 -0.07
N SER B 112 -11.07 -9.02 -1.16
CA SER B 112 -10.62 -7.69 -1.56
C SER B 112 -11.77 -6.67 -1.61
N ASN B 113 -12.99 -7.06 -2.01
CA ASN B 113 -14.08 -6.12 -2.18
C ASN B 113 -15.10 -6.23 -1.07
N CYS B 114 -14.64 -6.57 0.12
CA CYS B 114 -15.49 -6.65 1.27
C CYS B 114 -15.52 -5.25 1.91
N ILE B 115 -16.69 -4.97 2.50
CA ILE B 115 -16.90 -3.64 3.05
C ILE B 115 -16.03 -3.39 4.28
N SER B 116 -15.70 -4.49 5.00
CA SER B 116 -14.92 -4.43 6.22
C SER B 116 -13.63 -3.66 6.02
N HIS B 117 -13.07 -3.71 4.80
CA HIS B 117 -11.84 -3.01 4.51
C HIS B 117 -11.95 -1.49 4.44
N ALA B 118 -13.08 -0.98 3.93
CA ALA B 118 -13.23 0.46 3.76
C ALA B 118 -13.91 1.18 4.95
N GLU B 119 -14.63 0.45 5.82
CA GLU B 119 -15.35 1.09 6.91
C GLU B 119 -14.78 0.83 8.29
N PRO B 120 -15.04 1.69 9.30
CA PRO B 120 -14.51 1.53 10.67
C PRO B 120 -15.24 0.49 11.50
N VAL B 121 -15.28 -0.79 11.09
CA VAL B 121 -15.97 -1.82 11.85
C VAL B 121 -14.98 -2.93 12.25
N SER B 122 -15.21 -3.81 13.22
CA SER B 122 -14.26 -4.86 13.54
C SER B 122 -14.66 -6.08 12.76
N SER B 123 -13.71 -6.90 12.36
CA SER B 123 -14.00 -8.13 11.62
C SER B 123 -14.69 -9.11 12.54
N SER B 124 -15.27 -10.15 11.96
CA SER B 124 -15.85 -11.22 12.72
C SER B 124 -15.95 -12.34 11.71
N PHE B 125 -15.56 -13.53 12.06
CA PHE B 125 -15.74 -14.65 11.17
C PHE B 125 -16.45 -15.73 11.97
N ALA B 126 -17.45 -16.36 11.37
CA ALA B 126 -18.10 -17.51 11.94
C ALA B 126 -17.18 -18.72 11.69
N VAL B 127 -16.96 -19.54 12.69
CA VAL B 127 -16.03 -20.67 12.60
C VAL B 127 -16.89 -21.87 12.23
N ARG B 128 -16.40 -22.76 11.38
CA ARG B 128 -17.14 -23.96 11.08
C ARG B 128 -16.10 -25.04 10.87
N LYS B 129 -16.28 -26.14 11.60
CA LYS B 129 -15.40 -27.28 11.46
C LYS B 129 -15.87 -27.94 10.17
N ARG B 130 -15.06 -28.01 9.11
CA ARG B 130 -15.60 -28.56 7.89
C ARG B 130 -15.18 -30.03 7.67
N ALA B 131 -13.98 -30.35 7.16
CA ALA B 131 -13.59 -31.74 6.92
C ALA B 131 -12.09 -32.03 6.82
N ASN B 132 -11.28 -31.18 7.46
CA ASN B 132 -9.82 -31.29 7.46
C ASN B 132 -9.25 -30.18 8.33
N ASP B 133 -9.54 -28.94 7.88
CA ASP B 133 -9.20 -27.77 8.67
C ASP B 133 -10.55 -27.05 8.92
N ILE B 134 -10.45 -25.84 9.43
CA ILE B 134 -11.57 -24.96 9.80
C ILE B 134 -11.91 -23.99 8.68
N ALA B 135 -13.21 -23.81 8.45
CA ALA B 135 -13.77 -22.93 7.43
C ALA B 135 -14.26 -21.67 8.16
N LEU B 136 -13.98 -20.48 7.60
CA LEU B 136 -14.33 -19.20 8.22
C LEU B 136 -15.25 -18.37 7.34
N LYS B 137 -16.44 -18.02 7.84
CA LYS B 137 -17.42 -17.26 7.07
C LYS B 137 -17.27 -15.80 7.50
N CYS B 138 -17.00 -14.85 6.61
CA CYS B 138 -16.89 -13.43 6.95
C CYS B 138 -18.29 -13.02 7.23
N LYS B 139 -18.46 -12.23 8.27
CA LYS B 139 -19.78 -11.76 8.65
C LYS B 139 -20.37 -10.86 7.54
N TYR B 140 -19.53 -9.96 7.00
CA TYR B 140 -19.98 -8.95 6.07
C TYR B 140 -20.09 -9.54 4.70
N CYS B 141 -19.03 -9.89 3.97
CA CYS B 141 -19.22 -10.30 2.60
C CYS B 141 -19.80 -11.70 2.43
N GLU B 142 -19.84 -12.44 3.55
CA GLU B 142 -20.42 -13.77 3.66
C GLU B 142 -19.72 -14.89 2.91
N LYS B 143 -18.50 -14.69 2.41
CA LYS B 143 -17.77 -15.78 1.77
C LYS B 143 -17.06 -16.59 2.87
N GLU B 144 -16.96 -17.89 2.58
CA GLU B 144 -16.22 -18.82 3.41
C GLU B 144 -14.87 -19.06 2.76
N PHE B 145 -13.86 -19.17 3.61
CA PHE B 145 -12.47 -19.29 3.20
C PHE B 145 -11.92 -20.33 4.15
N SER B 146 -10.82 -20.97 3.80
CA SER B 146 -10.15 -21.91 4.68
C SER B 146 -9.43 -21.09 5.73
N HIS B 147 -9.33 -21.64 6.93
CA HIS B 147 -8.68 -20.86 7.96
C HIS B 147 -7.17 -20.74 7.72
N ASN B 148 -6.60 -21.60 6.88
CA ASN B 148 -5.20 -21.50 6.51
C ASN B 148 -5.00 -20.17 5.81
N VAL B 149 -5.90 -19.96 4.84
CA VAL B 149 -5.84 -18.83 3.90
C VAL B 149 -6.03 -17.51 4.62
N VAL B 150 -6.97 -17.48 5.55
CA VAL B 150 -7.26 -16.26 6.27
C VAL B 150 -6.06 -15.81 7.10
N LEU B 151 -5.18 -16.77 7.47
CA LEU B 151 -3.96 -16.46 8.21
C LEU B 151 -2.83 -15.86 7.37
N ALA B 152 -3.22 -15.77 6.09
CA ALA B 152 -2.55 -15.00 5.05
C ALA B 152 -1.11 -15.38 4.73
N ASN B 153 -0.81 -14.64 3.69
CA ASN B 153 0.46 -14.54 3.04
C ASN B 153 0.30 -13.27 2.21
N ALA C 1 49.44 8.93 -15.09
CA ALA C 1 48.02 8.69 -14.94
C ALA C 1 47.64 9.97 -14.25
N ASN C 2 46.47 10.50 -14.56
CA ASN C 2 45.94 11.69 -13.90
C ASN C 2 45.00 11.20 -12.80
N PRO C 3 44.76 11.92 -11.69
CA PRO C 3 43.92 11.39 -10.62
C PRO C 3 42.45 11.15 -11.00
N LEU C 4 41.91 11.74 -12.08
CA LEU C 4 40.52 11.51 -12.47
C LEU C 4 40.29 10.48 -13.56
N TYR C 5 41.34 9.81 -14.04
CA TYR C 5 41.23 8.77 -15.04
C TYR C 5 40.28 7.65 -14.54
N GLN C 6 39.22 7.35 -15.32
CA GLN C 6 38.22 6.33 -15.02
C GLN C 6 37.34 6.56 -13.79
N LYS C 7 37.37 7.71 -13.12
CA LYS C 7 36.51 7.92 -11.99
C LYS C 7 35.06 8.18 -12.38
N HIS C 8 34.16 7.92 -11.41
CA HIS C 8 32.74 8.19 -11.50
C HIS C 8 32.59 9.60 -10.95
N ILE C 9 31.93 10.55 -11.58
CA ILE C 9 31.85 11.91 -11.05
C ILE C 9 30.40 12.02 -10.60
N ILE C 10 30.19 11.63 -9.32
CA ILE C 10 28.83 11.55 -8.77
C ILE C 10 28.40 12.67 -7.85
N SER C 11 29.17 12.91 -6.80
CA SER C 11 28.86 13.90 -5.77
C SER C 11 30.14 14.70 -5.60
N ILE C 12 30.04 15.98 -5.25
CA ILE C 12 31.15 16.90 -4.98
C ILE C 12 31.99 16.46 -3.79
N ASN C 13 31.32 15.89 -2.78
CA ASN C 13 32.00 15.35 -1.60
C ASN C 13 33.08 14.35 -1.95
N ASP C 14 33.06 13.67 -3.09
CA ASP C 14 34.06 12.65 -3.34
C ASP C 14 35.25 13.27 -4.06
N LEU C 15 35.19 14.53 -4.52
CA LEU C 15 36.24 15.15 -5.27
C LEU C 15 37.01 16.08 -4.34
N SER C 16 38.31 16.31 -4.43
CA SER C 16 39.01 17.19 -3.49
C SER C 16 39.23 18.55 -4.12
N ARG C 17 39.77 19.52 -3.37
CA ARG C 17 40.15 20.82 -3.91
C ARG C 17 41.05 20.63 -5.14
N ASP C 18 41.93 19.68 -5.05
CA ASP C 18 42.84 19.38 -6.12
C ASP C 18 42.18 18.88 -7.39
N ASP C 19 41.21 17.98 -7.32
CA ASP C 19 40.58 17.51 -8.53
C ASP C 19 39.82 18.64 -9.16
N LEU C 20 39.20 19.49 -8.34
CA LEU C 20 38.44 20.59 -8.89
C LEU C 20 39.36 21.51 -9.70
N ASN C 21 40.45 21.88 -9.05
CA ASN C 21 41.44 22.76 -9.65
C ASN C 21 42.05 22.16 -10.88
N LEU C 22 42.23 20.83 -10.92
CA LEU C 22 42.75 20.21 -12.09
C LEU C 22 41.74 20.37 -13.24
N VAL C 23 40.44 20.24 -13.00
CA VAL C 23 39.47 20.42 -14.09
C VAL C 23 39.50 21.85 -14.58
N LEU C 24 39.62 22.80 -13.67
CA LEU C 24 39.60 24.18 -14.12
C LEU C 24 40.83 24.60 -14.94
N ALA C 25 42.03 24.14 -14.55
CA ALA C 25 43.23 24.48 -15.28
C ALA C 25 43.13 23.88 -16.67
N THR C 26 42.67 22.62 -16.77
CA THR C 26 42.48 22.00 -18.05
C THR C 26 41.53 22.83 -18.88
N ALA C 27 40.41 23.27 -18.25
CA ALA C 27 39.31 23.96 -18.91
C ALA C 27 39.73 25.23 -19.60
N ALA C 28 40.61 25.92 -18.88
CA ALA C 28 41.16 27.16 -19.36
C ALA C 28 42.06 26.93 -20.52
N LYS C 29 42.80 25.81 -20.47
CA LYS C 29 43.68 25.36 -21.54
C LYS C 29 42.94 24.97 -22.82
N LEU C 30 41.89 24.14 -22.74
CA LEU C 30 41.09 23.74 -23.86
C LEU C 30 40.47 25.01 -24.41
N LYS C 31 40.10 25.99 -23.56
CA LYS C 31 39.57 27.27 -24.04
C LYS C 31 40.56 28.03 -24.91
N ALA C 32 41.84 27.94 -24.55
CA ALA C 32 42.90 28.60 -25.26
C ALA C 32 43.33 27.80 -26.46
N ASN C 33 43.14 26.49 -26.47
CA ASN C 33 43.66 25.63 -27.51
C ASN C 33 42.75 24.42 -27.64
N PRO C 34 41.88 24.39 -28.63
CA PRO C 34 40.91 23.35 -28.85
C PRO C 34 41.57 22.08 -29.28
N GLN C 35 40.99 20.96 -28.81
CA GLN C 35 41.50 19.62 -29.12
C GLN C 35 40.60 18.65 -29.93
N PRO C 36 40.37 18.87 -31.25
CA PRO C 36 39.32 18.27 -32.06
C PRO C 36 39.16 16.75 -32.16
N GLU C 37 40.19 16.00 -31.80
CA GLU C 37 40.17 14.54 -31.89
C GLU C 37 40.70 13.92 -30.60
N LEU C 38 40.67 14.68 -29.51
CA LEU C 38 41.20 14.22 -28.24
C LEU C 38 40.48 12.99 -27.73
N LEU C 39 39.25 12.71 -28.18
CA LEU C 39 38.45 11.55 -27.79
C LEU C 39 37.99 10.77 -29.03
N LYS C 40 38.84 10.80 -30.07
CA LYS C 40 38.59 10.08 -31.31
C LYS C 40 38.36 8.61 -31.01
N HIS C 41 37.38 8.04 -31.71
CA HIS C 41 36.99 6.64 -31.61
C HIS C 41 36.35 6.20 -30.30
N LYS C 42 35.82 7.13 -29.50
CA LYS C 42 35.16 6.82 -28.25
C LYS C 42 33.69 7.06 -28.49
N VAL C 43 32.81 6.18 -27.99
CA VAL C 43 31.36 6.39 -28.09
C VAL C 43 30.87 6.54 -26.67
N ILE C 44 30.13 7.62 -26.46
CA ILE C 44 29.60 7.91 -25.16
C ILE C 44 28.06 8.00 -25.21
N ALA C 45 27.44 7.54 -24.12
CA ALA C 45 26.00 7.54 -23.96
C ALA C 45 25.55 8.74 -23.16
N SER C 46 24.47 9.34 -23.65
CA SER C 46 23.83 10.49 -23.07
C SER C 46 22.46 9.94 -22.67
N CYS C 47 22.29 9.48 -21.41
CA CYS C 47 21.06 8.88 -20.93
C CYS C 47 20.26 9.85 -20.07
N PHE C 48 19.29 10.54 -20.65
CA PHE C 48 18.47 11.54 -19.93
C PHE C 48 17.01 11.06 -19.75
N PHE C 49 16.72 10.78 -18.48
CA PHE C 49 15.41 10.29 -18.04
C PHE C 49 14.69 11.47 -17.41
N GLU C 50 15.19 12.68 -17.60
CA GLU C 50 14.54 13.88 -17.12
C GLU C 50 15.06 15.00 -18.04
N ALA C 51 14.16 15.94 -18.26
CA ALA C 51 14.27 17.12 -19.10
C ALA C 51 15.48 18.02 -18.96
N SER C 52 16.05 18.39 -20.09
CA SER C 52 17.21 19.25 -20.12
C SER C 52 17.43 19.97 -21.46
N THR C 53 17.80 21.25 -21.43
CA THR C 53 18.30 21.98 -22.58
C THR C 53 19.83 22.04 -22.36
N ARG C 54 20.34 22.81 -21.37
CA ARG C 54 21.77 22.99 -21.18
C ARG C 54 22.59 21.74 -20.89
N THR C 55 22.51 21.06 -19.77
CA THR C 55 23.34 19.90 -19.47
C THR C 55 23.43 18.87 -20.59
N ARG C 56 22.33 18.53 -21.27
CA ARG C 56 22.34 17.57 -22.36
C ARG C 56 23.05 18.12 -23.58
N LEU C 57 22.64 19.28 -24.06
CA LEU C 57 23.21 19.85 -25.26
C LEU C 57 24.64 20.31 -25.04
N SER C 58 25.05 20.96 -23.94
CA SER C 58 26.46 21.30 -23.73
C SER C 58 27.35 20.07 -23.74
N PHE C 59 26.95 18.99 -23.04
CA PHE C 59 27.68 17.74 -22.99
C PHE C 59 27.86 17.13 -24.35
N GLN C 60 26.79 17.05 -25.12
CA GLN C 60 26.86 16.46 -26.43
C GLN C 60 27.72 17.27 -27.37
N THR C 61 27.69 18.58 -27.31
CA THR C 61 28.59 19.42 -28.09
C THR C 61 30.03 19.23 -27.56
N SER C 62 30.34 19.16 -26.26
CA SER C 62 31.69 18.90 -25.75
C SER C 62 32.30 17.61 -26.27
N MET C 63 31.45 16.57 -26.32
CA MET C 63 31.80 15.28 -26.85
C MET C 63 32.15 15.45 -28.29
N HIS C 64 31.33 16.17 -29.08
CA HIS C 64 31.60 16.37 -30.51
C HIS C 64 32.83 17.16 -30.83
N ARG C 65 33.05 18.18 -30.04
CA ARG C 65 34.22 19.02 -30.22
C ARG C 65 35.54 18.34 -29.91
N LEU C 66 35.51 17.26 -29.14
CA LEU C 66 36.67 16.46 -28.80
C LEU C 66 36.71 15.22 -29.69
N GLY C 67 35.70 14.98 -30.55
CA GLY C 67 35.73 13.90 -31.52
C GLY C 67 35.08 12.59 -31.10
N ALA C 68 34.31 12.54 -30.00
CA ALA C 68 33.61 11.31 -29.66
C ALA C 68 32.27 11.24 -30.41
N SER C 69 31.70 10.02 -30.49
CA SER C 69 30.35 9.80 -31.01
C SER C 69 29.41 9.69 -29.83
N VAL C 70 28.14 10.02 -30.02
CA VAL C 70 27.20 10.02 -28.93
C VAL C 70 26.02 9.15 -29.31
N VAL C 71 25.52 8.39 -28.32
CA VAL C 71 24.30 7.57 -28.40
C VAL C 71 23.52 7.86 -27.13
N GLY C 72 22.20 7.73 -27.09
CA GLY C 72 21.51 7.94 -25.84
C GLY C 72 20.03 8.08 -26.05
N PHE C 73 19.37 8.84 -25.19
CA PHE C 73 17.93 9.12 -25.31
C PHE C 73 17.57 10.35 -24.49
N SER C 74 16.63 11.14 -24.97
CA SER C 74 16.19 12.36 -24.30
C SER C 74 15.14 12.11 -23.24
N ASP C 75 14.47 10.97 -23.33
CA ASP C 75 13.49 10.57 -22.38
C ASP C 75 13.43 9.05 -22.49
N SER C 76 13.20 8.54 -21.29
CA SER C 76 13.00 7.13 -20.96
C SER C 76 11.74 6.60 -21.62
N ALA C 77 10.73 7.40 -21.98
CA ALA C 77 9.48 7.01 -22.66
C ALA C 77 9.47 5.97 -23.76
N ASN C 78 10.60 5.94 -24.43
CA ASN C 78 10.76 5.07 -25.55
C ASN C 78 11.67 3.91 -25.26
N THR C 79 12.22 3.78 -24.07
CA THR C 79 13.18 2.73 -23.85
C THR C 79 12.43 1.47 -23.41
N SER C 80 13.05 0.34 -23.41
CA SER C 80 12.41 -0.84 -22.88
C SER C 80 12.19 -0.70 -21.38
N LEU C 81 12.78 0.28 -20.69
CA LEU C 81 12.53 0.53 -19.26
C LEU C 81 11.16 1.20 -19.08
N GLY C 82 10.99 2.29 -19.84
CA GLY C 82 9.76 3.03 -19.84
C GLY C 82 8.57 2.30 -20.46
N LYS C 83 8.78 1.40 -21.44
CA LYS C 83 7.63 0.69 -21.97
C LYS C 83 7.53 -0.74 -21.53
N LYS C 84 8.61 -1.50 -21.41
CA LYS C 84 8.46 -2.93 -21.11
C LYS C 84 8.73 -3.25 -19.65
N GLY C 85 8.96 -2.22 -18.81
CA GLY C 85 9.19 -2.36 -17.38
C GLY C 85 10.55 -2.89 -16.93
N GLU C 86 11.62 -2.57 -17.66
CA GLU C 86 12.97 -3.00 -17.28
C GLU C 86 13.56 -2.20 -16.09
N THR C 87 14.28 -2.84 -15.16
CA THR C 87 14.89 -2.06 -14.10
C THR C 87 16.06 -1.25 -14.63
N LEU C 88 16.33 -0.12 -13.94
CA LEU C 88 17.44 0.75 -14.26
C LEU C 88 18.73 0.00 -14.11
N ALA C 89 18.77 -0.96 -13.18
CA ALA C 89 19.99 -1.72 -12.99
C ALA C 89 20.34 -2.50 -14.26
N ASP C 90 19.33 -3.16 -14.92
CA ASP C 90 19.55 -3.87 -16.17
C ASP C 90 19.82 -2.93 -17.32
N THR C 91 19.14 -1.80 -17.37
CA THR C 91 19.38 -0.78 -18.40
C THR C 91 20.85 -0.38 -18.40
N ILE C 92 21.46 -0.12 -17.23
CA ILE C 92 22.87 0.25 -17.18
C ILE C 92 23.79 -0.92 -17.55
N SER C 93 23.61 -2.13 -17.01
CA SER C 93 24.37 -3.31 -17.39
C SER C 93 24.56 -3.50 -18.89
N VAL C 94 23.48 -3.49 -19.66
CA VAL C 94 23.66 -3.61 -21.09
C VAL C 94 24.30 -2.35 -21.62
N ILE C 95 23.91 -1.08 -21.29
CA ILE C 95 24.54 0.05 -21.95
C ILE C 95 26.03 0.08 -21.68
N SER C 96 26.50 -0.35 -20.51
CA SER C 96 27.91 -0.46 -20.25
C SER C 96 28.61 -1.44 -21.18
N THR C 97 27.99 -2.45 -21.80
CA THR C 97 28.75 -3.30 -22.69
C THR C 97 28.88 -2.73 -24.10
N TYR C 98 28.30 -1.53 -24.31
CA TYR C 98 28.36 -0.86 -25.59
C TYR C 98 29.23 0.40 -25.61
N VAL C 99 29.17 1.24 -24.58
CA VAL C 99 29.91 2.49 -24.53
C VAL C 99 31.06 2.61 -23.52
N ASP C 100 31.78 3.74 -23.69
CA ASP C 100 32.98 4.12 -22.91
C ASP C 100 32.81 5.00 -21.64
N ALA C 101 31.68 5.66 -21.56
CA ALA C 101 31.29 6.51 -20.45
C ALA C 101 29.76 6.67 -20.63
N ILE C 102 29.12 6.85 -19.50
CA ILE C 102 27.69 7.02 -19.45
C ILE C 102 27.50 8.31 -18.69
N VAL C 103 26.80 9.27 -19.28
CA VAL C 103 26.41 10.52 -18.65
C VAL C 103 24.94 10.32 -18.37
N MET C 104 24.43 10.48 -17.16
CA MET C 104 22.98 10.32 -17.00
C MET C 104 22.28 11.39 -16.13
N ARG C 105 21.03 11.73 -16.47
CA ARG C 105 20.21 12.59 -15.65
C ARG C 105 19.03 11.69 -15.20
N HIS C 106 18.56 11.82 -13.93
CA HIS C 106 17.47 11.00 -13.44
C HIS C 106 16.67 11.69 -12.31
N PRO C 107 15.32 11.54 -12.28
CA PRO C 107 14.43 12.09 -11.22
C PRO C 107 14.55 11.70 -9.73
N GLN C 108 15.05 10.50 -9.48
CA GLN C 108 15.23 10.01 -8.14
C GLN C 108 16.64 10.21 -7.69
N GLU C 109 16.72 10.54 -6.42
CA GLU C 109 17.96 10.83 -5.78
C GLU C 109 18.66 9.50 -5.53
N GLY C 110 19.87 9.52 -6.05
CA GLY C 110 20.81 8.40 -5.88
C GLY C 110 21.01 7.52 -7.11
N ALA C 111 20.21 7.73 -8.15
CA ALA C 111 20.33 6.92 -9.36
C ALA C 111 21.72 6.80 -10.00
N ALA C 112 22.51 7.87 -9.99
CA ALA C 112 23.91 7.78 -10.42
C ALA C 112 24.81 6.82 -9.60
N ARG C 113 24.77 6.83 -8.27
CA ARG C 113 25.52 5.94 -7.39
C ARG C 113 24.99 4.53 -7.67
N LEU C 114 23.68 4.36 -7.87
CA LEU C 114 23.08 3.07 -8.21
C LEU C 114 23.76 2.60 -9.50
N ALA C 115 23.74 3.43 -10.56
CA ALA C 115 24.30 3.08 -11.85
C ALA C 115 25.71 2.55 -11.77
N THR C 116 26.56 3.14 -10.94
CA THR C 116 27.94 2.67 -10.84
C THR C 116 28.04 1.24 -10.32
N GLU C 117 27.16 0.76 -9.47
CA GLU C 117 27.21 -0.61 -9.01
C GLU C 117 27.00 -1.53 -10.19
N PHE C 118 26.52 -1.05 -11.33
CA PHE C 118 26.22 -1.93 -12.43
C PHE C 118 27.05 -1.65 -13.64
N SER C 119 27.72 -0.49 -13.80
CA SER C 119 28.38 -0.17 -15.06
C SER C 119 29.69 -0.90 -15.26
N GLY C 120 30.15 -1.67 -14.28
CA GLY C 120 31.37 -2.45 -14.45
C GLY C 120 32.56 -1.51 -14.46
N ASN C 121 33.21 -1.35 -15.57
CA ASN C 121 34.39 -0.54 -15.56
C ASN C 121 33.99 0.75 -16.21
N VAL C 122 32.82 0.96 -16.79
CA VAL C 122 32.54 2.19 -17.48
C VAL C 122 32.27 3.38 -16.52
N PRO C 123 32.95 4.54 -16.60
CA PRO C 123 32.68 5.74 -15.80
C PRO C 123 31.28 6.27 -16.02
N VAL C 124 30.65 6.65 -14.91
CA VAL C 124 29.31 7.21 -14.94
C VAL C 124 29.51 8.67 -14.53
N LEU C 125 28.90 9.61 -15.22
CA LEU C 125 29.04 10.99 -14.84
C LEU C 125 27.60 11.43 -14.57
N ASN C 126 27.45 12.01 -13.38
CA ASN C 126 26.19 12.45 -12.91
C ASN C 126 25.78 13.84 -13.45
N ALA C 127 24.70 13.85 -14.27
CA ALA C 127 24.17 15.08 -14.87
C ALA C 127 23.05 15.71 -14.04
N GLY C 128 22.66 15.03 -12.99
CA GLY C 128 21.75 15.60 -12.03
C GLY C 128 20.91 14.48 -11.46
N ASP C 129 20.91 14.21 -10.17
CA ASP C 129 20.02 13.14 -9.73
C ASP C 129 18.96 13.66 -8.75
N GLY C 130 17.75 13.90 -9.28
CA GLY C 130 16.63 14.36 -8.48
C GLY C 130 17.03 15.65 -7.82
N SER C 131 16.86 15.84 -6.52
CA SER C 131 17.26 17.11 -5.95
C SER C 131 18.60 16.98 -5.26
N ASN C 132 19.38 15.90 -5.42
CA ASN C 132 20.64 15.73 -4.69
C ASN C 132 21.87 16.47 -5.24
N GLN C 133 22.53 16.01 -6.30
CA GLN C 133 23.83 16.54 -6.68
C GLN C 133 23.78 16.90 -8.14
N HIS C 134 24.70 17.82 -8.47
CA HIS C 134 24.88 18.26 -9.85
C HIS C 134 26.32 18.76 -10.05
N PRO C 135 27.30 17.83 -10.08
CA PRO C 135 28.72 18.18 -9.95
C PRO C 135 29.35 18.96 -11.12
N THR C 136 28.87 18.65 -12.33
CA THR C 136 29.30 19.26 -13.60
C THR C 136 28.86 20.73 -13.61
N GLN C 137 27.64 21.07 -13.15
CA GLN C 137 27.19 22.45 -12.97
C GLN C 137 28.15 23.27 -12.13
N THR C 138 28.53 22.73 -10.96
CA THR C 138 29.44 23.33 -9.97
C THR C 138 30.79 23.59 -10.62
N LEU C 139 31.28 22.61 -11.35
CA LEU C 139 32.51 22.82 -12.07
C LEU C 139 32.37 23.97 -13.06
N LEU C 140 31.33 24.17 -13.87
CA LEU C 140 31.29 25.34 -14.75
C LEU C 140 31.04 26.61 -13.93
N ASP C 141 30.34 26.56 -12.77
CA ASP C 141 30.23 27.78 -11.95
C ASP C 141 31.58 28.19 -11.34
N LEU C 142 32.38 27.23 -10.86
CA LEU C 142 33.70 27.52 -10.30
C LEU C 142 34.55 28.11 -11.40
N PHE C 143 34.46 27.65 -12.64
CA PHE C 143 35.21 28.19 -13.74
C PHE C 143 34.79 29.64 -13.94
N THR C 144 33.49 29.94 -14.00
CA THR C 144 32.97 31.31 -14.10
C THR C 144 33.40 32.22 -12.96
N ILE C 145 33.37 31.75 -11.70
CA ILE C 145 33.76 32.54 -10.53
C ILE C 145 35.24 32.85 -10.63
N GLN C 146 36.08 31.86 -10.92
CA GLN C 146 37.50 31.96 -11.11
C GLN C 146 37.76 33.08 -12.07
N GLN C 147 37.08 32.89 -13.19
CA GLN C 147 37.25 33.73 -14.37
C GLN C 147 36.98 35.21 -14.12
N THR C 148 35.94 35.47 -13.34
CA THR C 148 35.61 36.83 -13.05
C THR C 148 36.31 37.38 -11.80
N GLU C 149 36.42 36.67 -10.66
CA GLU C 149 37.07 37.18 -9.46
C GLU C 149 38.55 36.93 -9.28
N GLY C 150 39.07 35.99 -10.03
CA GLY C 150 40.47 35.62 -9.98
C GLY C 150 40.85 34.87 -8.72
N ARG C 151 39.86 34.38 -8.00
CA ARG C 151 40.05 33.69 -6.76
C ARG C 151 38.82 32.83 -6.56
N LEU C 152 39.04 31.75 -5.82
CA LEU C 152 37.96 30.93 -5.31
C LEU C 152 37.99 30.94 -3.77
N ASP C 153 38.73 31.86 -3.16
CA ASP C 153 38.93 31.97 -1.72
C ASP C 153 38.55 33.40 -1.35
N ASN C 154 38.08 33.55 -0.13
CA ASN C 154 37.71 34.81 0.45
C ASN C 154 36.70 35.58 -0.35
N LEU C 155 35.68 34.91 -0.86
CA LEU C 155 34.59 35.60 -1.51
C LEU C 155 33.43 35.73 -0.53
N HIS C 156 32.49 36.57 -0.99
CA HIS C 156 31.22 36.79 -0.33
C HIS C 156 30.20 36.30 -1.34
N VAL C 157 29.57 35.16 -1.02
CA VAL C 157 28.63 34.49 -1.91
C VAL C 157 27.22 34.55 -1.35
N ALA C 158 26.22 35.02 -2.08
CA ALA C 158 24.86 34.92 -1.62
C ALA C 158 24.05 33.89 -2.44
N MET C 159 23.27 32.98 -1.86
CA MET C 159 22.48 32.01 -2.62
C MET C 159 21.02 32.33 -2.30
N VAL C 160 20.31 32.67 -3.38
CA VAL C 160 18.94 33.15 -3.35
C VAL C 160 18.09 32.13 -4.04
N GLY C 161 17.03 31.62 -3.38
CA GLY C 161 16.06 30.78 -4.09
C GLY C 161 15.48 29.62 -3.29
N ASP C 162 15.31 28.49 -3.99
CA ASP C 162 14.84 27.26 -3.43
C ASP C 162 16.12 26.51 -3.17
N LEU C 163 16.64 26.75 -1.99
CA LEU C 163 17.84 26.08 -1.54
C LEU C 163 17.61 24.62 -1.13
N LYS C 164 16.37 24.24 -0.85
CA LYS C 164 16.03 22.89 -0.45
C LYS C 164 16.16 21.86 -1.54
N TYR C 165 15.54 22.10 -2.70
CA TYR C 165 15.51 21.12 -3.80
C TYR C 165 16.56 21.44 -4.85
N GLY C 166 17.33 22.54 -4.73
CA GLY C 166 18.40 22.88 -5.64
C GLY C 166 19.69 22.07 -5.51
N ARG C 167 19.79 21.00 -6.29
CA ARG C 167 21.01 20.20 -6.45
C ARG C 167 22.22 21.08 -6.80
N THR C 168 22.01 22.17 -7.52
CA THR C 168 23.08 23.04 -7.91
C THR C 168 23.70 23.70 -6.68
N VAL C 169 22.91 24.32 -5.77
CA VAL C 169 23.48 24.94 -4.57
C VAL C 169 23.98 23.90 -3.54
N HIS C 170 23.46 22.64 -3.48
CA HIS C 170 23.93 21.59 -2.61
C HIS C 170 25.34 21.22 -3.03
N SER C 171 25.62 21.02 -4.32
CA SER C 171 26.98 20.80 -4.81
C SER C 171 27.88 22.05 -4.67
N LEU C 172 27.44 23.25 -5.07
CA LEU C 172 28.24 24.46 -4.98
C LEU C 172 28.70 24.78 -3.58
N THR C 173 27.87 24.64 -2.54
CA THR C 173 28.36 24.95 -1.19
C THR C 173 29.41 23.97 -0.67
N GLN C 174 29.23 22.73 -1.05
CA GLN C 174 30.19 21.73 -0.64
C GLN C 174 31.53 21.95 -1.29
N ALA C 175 31.53 22.33 -2.58
CA ALA C 175 32.75 22.64 -3.30
C ALA C 175 33.50 23.89 -2.79
N LEU C 176 32.80 25.02 -2.56
CA LEU C 176 33.40 26.25 -2.07
C LEU C 176 33.81 26.09 -0.63
N ALA C 177 33.23 25.15 0.11
CA ALA C 177 33.66 24.98 1.47
C ALA C 177 35.05 24.33 1.52
N LYS C 178 35.57 23.93 0.34
CA LYS C 178 36.92 23.39 0.23
C LYS C 178 37.98 24.46 0.01
N PHE C 179 37.50 25.68 -0.06
CA PHE C 179 38.40 26.80 -0.22
C PHE C 179 38.39 27.67 1.04
N ASP C 180 39.47 28.42 1.15
CA ASP C 180 39.67 29.22 2.32
C ASP C 180 38.81 30.44 2.46
N GLY C 181 38.22 30.56 3.67
CA GLY C 181 37.58 31.77 4.13
C GLY C 181 36.49 32.30 3.23
N ASN C 182 35.52 31.46 2.83
CA ASN C 182 34.41 31.94 2.00
C ASN C 182 33.20 32.18 2.90
N ARG C 183 32.54 33.33 2.74
CA ARG C 183 31.41 33.74 3.53
C ARG C 183 30.14 33.44 2.76
N PHE C 184 29.11 32.89 3.40
CA PHE C 184 27.86 32.59 2.74
C PHE C 184 26.63 33.30 3.31
N TYR C 185 25.72 33.77 2.48
CA TYR C 185 24.49 34.44 2.89
C TYR C 185 23.41 33.72 2.07
N PHE C 186 22.42 33.23 2.80
CA PHE C 186 21.34 32.43 2.25
C PHE C 186 20.03 33.19 2.46
N ILE C 187 19.38 33.45 1.32
CA ILE C 187 18.10 34.12 1.27
C ILE C 187 17.24 33.05 0.60
N ALA C 188 16.28 32.47 1.31
CA ALA C 188 15.41 31.45 0.76
C ALA C 188 14.06 31.60 1.48
N PRO C 189 12.87 31.25 0.97
CA PRO C 189 11.72 30.90 1.77
C PRO C 189 12.13 29.82 2.77
N ASP C 190 11.75 29.96 4.04
CA ASP C 190 12.04 28.94 5.02
C ASP C 190 11.56 27.54 4.63
N ALA C 191 10.44 27.42 3.93
CA ALA C 191 10.00 26.11 3.49
C ALA C 191 10.88 25.59 2.39
N LEU C 192 11.69 26.46 1.79
CA LEU C 192 12.64 25.99 0.79
C LEU C 192 14.06 26.32 1.22
N ALA C 193 14.34 26.15 2.51
CA ALA C 193 15.65 26.46 3.09
C ALA C 193 16.79 25.48 2.81
N MET C 194 18.02 25.88 3.14
CA MET C 194 19.18 25.04 2.96
C MET C 194 19.12 23.81 3.87
N PRO C 195 19.38 22.59 3.39
CA PRO C 195 19.49 21.40 4.21
C PRO C 195 20.46 21.39 5.39
N GLU C 196 19.97 21.06 6.56
CA GLU C 196 20.76 20.95 7.79
C GLU C 196 22.06 20.17 7.64
N TYR C 197 22.15 19.11 6.82
CA TYR C 197 23.44 18.43 6.61
C TYR C 197 24.53 19.22 5.90
N ILE C 198 24.18 20.26 5.13
CA ILE C 198 25.21 21.11 4.54
C ILE C 198 25.59 22.05 5.64
N LEU C 199 24.59 22.57 6.35
CA LEU C 199 24.80 23.52 7.42
C LEU C 199 25.75 22.95 8.48
N ASP C 200 25.51 21.72 8.94
CA ASP C 200 26.34 21.06 9.96
C ASP C 200 27.78 21.05 9.48
N MET C 201 27.98 20.63 8.24
CA MET C 201 29.29 20.59 7.58
C MET C 201 30.02 21.91 7.57
N LEU C 202 29.27 22.99 7.33
CA LEU C 202 29.87 24.30 7.39
C LEU C 202 30.28 24.72 8.81
N ASP C 203 29.43 24.41 9.78
CA ASP C 203 29.72 24.64 11.17
C ASP C 203 30.94 23.77 11.50
N GLU C 204 30.97 22.51 11.13
CA GLU C 204 32.11 21.64 11.37
C GLU C 204 33.38 22.20 10.73
N LYS C 205 33.38 22.89 9.62
CA LYS C 205 34.63 23.41 9.11
C LYS C 205 34.96 24.81 9.61
N GLY C 206 34.02 25.37 10.35
CA GLY C 206 34.18 26.69 10.92
C GLY C 206 34.02 27.82 9.89
N ILE C 207 33.16 27.59 8.88
CA ILE C 207 32.87 28.57 7.85
C ILE C 207 31.71 29.42 8.38
N ALA C 208 31.63 30.68 7.92
CA ALA C 208 30.57 31.60 8.31
C ALA C 208 29.44 31.69 7.30
N TRP C 209 28.20 31.54 7.76
CA TRP C 209 27.04 31.67 6.91
C TRP C 209 25.98 32.47 7.63
N SER C 210 24.96 33.01 6.97
CA SER C 210 23.91 33.81 7.59
C SER C 210 22.67 33.75 6.73
N LEU C 211 21.54 33.99 7.35
CA LEU C 211 20.24 33.93 6.72
C LEU C 211 19.80 35.38 6.68
N HIS C 212 19.11 35.75 5.61
CA HIS C 212 18.65 37.10 5.35
C HIS C 212 17.29 37.09 4.68
N SER C 213 16.47 38.09 5.00
CA SER C 213 15.15 38.21 4.40
C SER C 213 15.13 38.96 3.10
N SER C 214 16.20 39.60 2.62
CA SER C 214 16.12 40.35 1.39
C SER C 214 17.50 40.30 0.78
N ILE C 215 17.46 40.56 -0.54
CA ILE C 215 18.65 40.73 -1.38
C ILE C 215 19.27 42.11 -1.19
N GLU C 216 18.48 43.13 -0.87
CA GLU C 216 19.02 44.47 -0.77
C GLU C 216 19.85 44.47 0.49
N GLU C 217 19.47 43.78 1.56
CA GLU C 217 20.34 43.80 2.74
C GLU C 217 21.75 43.20 2.63
N VAL C 218 22.02 42.42 1.59
CA VAL C 218 23.35 41.84 1.40
C VAL C 218 24.03 42.34 0.13
N MET C 219 23.33 43.09 -0.72
CA MET C 219 23.80 43.48 -2.04
C MET C 219 25.14 44.17 -2.08
N ALA C 220 25.32 45.17 -1.23
CA ALA C 220 26.59 45.85 -1.16
C ALA C 220 27.73 45.01 -0.59
N GLU C 221 27.52 43.80 -0.06
CA GLU C 221 28.60 42.99 0.48
C GLU C 221 29.00 41.85 -0.43
N VAL C 222 28.20 41.51 -1.46
CA VAL C 222 28.51 40.30 -2.21
C VAL C 222 29.32 40.46 -3.49
N ASP C 223 30.14 39.41 -3.59
CA ASP C 223 30.95 39.20 -4.79
C ASP C 223 30.19 38.48 -5.87
N ILE C 224 29.51 37.41 -5.49
CA ILE C 224 28.69 36.70 -6.44
C ILE C 224 27.31 36.60 -5.80
N LEU C 225 26.30 36.73 -6.65
CA LEU C 225 24.93 36.67 -6.20
C LEU C 225 24.48 35.41 -6.94
N TYR C 226 24.06 34.32 -6.31
CA TYR C 226 23.69 33.14 -7.08
C TYR C 226 22.19 32.90 -6.92
N MET C 227 21.44 33.10 -8.02
CA MET C 227 19.97 32.99 -8.06
C MET C 227 19.57 31.57 -8.45
N THR C 228 18.50 31.00 -7.91
CA THR C 228 18.07 29.70 -8.36
C THR C 228 16.59 29.69 -8.72
N ARG C 229 16.13 28.66 -9.42
CA ARG C 229 14.72 28.50 -9.80
C ARG C 229 13.81 27.77 -8.77
N VAL C 230 12.53 28.04 -8.51
CA VAL C 230 11.69 27.20 -7.60
C VAL C 230 11.34 25.92 -8.36
N GLN C 231 11.77 24.80 -7.82
CA GLN C 231 11.69 23.51 -8.50
C GLN C 231 10.28 23.00 -8.39
N LYS C 232 9.38 23.55 -9.20
CA LYS C 232 7.97 23.22 -9.19
C LYS C 232 7.72 21.72 -9.24
N GLU C 233 8.44 21.06 -10.17
CA GLU C 233 8.29 19.64 -10.42
C GLU C 233 8.68 18.80 -9.22
N ARG C 234 9.29 19.37 -8.21
CA ARG C 234 9.76 18.62 -7.08
C ARG C 234 8.99 18.98 -5.81
N LEU C 235 8.13 20.00 -5.90
CA LEU C 235 7.45 20.52 -4.73
C LEU C 235 6.37 19.58 -4.28
N ASP C 236 6.37 19.38 -2.96
CA ASP C 236 5.30 18.65 -2.33
C ASP C 236 4.09 19.60 -2.33
N PRO C 237 2.86 19.10 -2.50
CA PRO C 237 1.62 19.87 -2.43
C PRO C 237 1.51 20.82 -1.26
N SER C 238 2.09 20.47 -0.09
CA SER C 238 2.15 21.42 1.03
C SER C 238 2.89 22.68 0.65
N GLU C 239 3.93 22.54 -0.15
CA GLU C 239 4.73 23.68 -0.56
C GLU C 239 4.18 24.52 -1.71
N TYR C 240 2.94 24.29 -2.17
CA TYR C 240 2.37 25.08 -3.26
C TYR C 240 2.16 26.56 -2.97
N ALA C 241 2.23 26.91 -1.69
CA ALA C 241 2.31 28.31 -1.32
C ALA C 241 3.61 28.92 -1.84
N ASN C 242 4.61 28.15 -2.35
CA ASN C 242 5.94 28.64 -2.69
C ASN C 242 6.39 28.61 -4.14
N VAL C 243 5.46 28.31 -5.05
CA VAL C 243 5.73 28.27 -6.48
C VAL C 243 6.18 29.58 -7.18
N LYS C 244 5.71 30.79 -6.85
CA LYS C 244 6.16 31.99 -7.57
C LYS C 244 7.28 32.55 -6.75
N ALA C 245 8.30 32.97 -7.48
CA ALA C 245 9.54 33.45 -6.86
C ALA C 245 9.35 34.54 -5.80
N GLN C 246 9.69 34.27 -4.54
CA GLN C 246 9.66 35.24 -3.45
C GLN C 246 10.51 36.52 -3.58
N PHE C 247 11.75 36.37 -4.09
CA PHE C 247 12.70 37.46 -4.20
C PHE C 247 12.96 37.57 -5.69
N VAL C 248 12.64 38.68 -6.34
CA VAL C 248 12.83 38.90 -7.76
C VAL C 248 13.94 39.94 -7.97
N LEU C 249 15.07 39.65 -8.66
CA LEU C 249 16.10 40.65 -8.92
C LEU C 249 15.72 41.50 -10.12
N ARG C 250 15.66 42.81 -9.88
CA ARG C 250 15.35 43.84 -10.84
C ARG C 250 16.58 44.74 -10.91
N ALA C 251 16.93 45.20 -12.10
CA ALA C 251 18.08 46.09 -12.32
C ALA C 251 18.25 47.23 -11.30
N SER C 252 17.17 47.81 -10.77
CA SER C 252 17.25 48.85 -9.79
C SER C 252 17.85 48.46 -8.44
N ASP C 253 17.89 47.17 -8.13
CA ASP C 253 18.44 46.67 -6.87
C ASP C 253 19.96 46.65 -6.84
N LEU C 254 20.55 46.58 -8.02
CA LEU C 254 21.99 46.52 -8.11
C LEU C 254 22.64 47.87 -7.87
N HIS C 255 21.92 48.98 -7.59
CA HIS C 255 22.52 50.29 -7.48
C HIS C 255 23.70 50.43 -6.55
N ASN C 256 23.73 49.61 -5.51
CA ASN C 256 24.77 49.73 -4.51
C ASN C 256 25.63 48.51 -4.53
N ALA C 257 25.73 47.87 -5.69
CA ALA C 257 26.54 46.67 -5.84
C ALA C 257 28.02 46.93 -6.07
N LYS C 258 28.93 46.03 -5.67
CA LYS C 258 30.37 46.17 -5.93
C LYS C 258 30.46 46.05 -7.45
N ALA C 259 31.36 46.83 -8.07
CA ALA C 259 31.46 46.88 -9.54
C ALA C 259 31.78 45.56 -10.19
N ASN C 260 32.42 44.71 -9.37
CA ASN C 260 32.87 43.40 -9.74
C ASN C 260 31.81 42.33 -9.53
N MET C 261 30.69 42.66 -8.90
CA MET C 261 29.74 41.67 -8.47
C MET C 261 29.18 40.97 -9.69
N LYS C 262 29.03 39.66 -9.68
CA LYS C 262 28.37 38.97 -10.78
C LYS C 262 27.16 38.19 -10.31
N VAL C 263 26.10 38.41 -11.08
CA VAL C 263 24.77 37.80 -10.97
C VAL C 263 24.81 36.47 -11.75
N LEU C 264 24.78 35.34 -11.04
CA LEU C 264 24.78 34.03 -11.64
C LEU C 264 23.46 33.30 -11.44
N HIS C 265 23.18 32.41 -12.42
CA HIS C 265 21.98 31.62 -12.42
C HIS C 265 22.28 30.37 -13.18
N PRO C 266 22.09 29.12 -12.66
CA PRO C 266 22.05 27.84 -13.40
C PRO C 266 21.20 27.78 -14.69
N LEU C 267 20.04 28.46 -14.60
CA LEU C 267 19.00 28.56 -15.60
C LEU C 267 18.31 27.18 -15.66
N PRO C 268 17.06 26.97 -16.06
CA PRO C 268 16.10 28.00 -16.41
C PRO C 268 15.78 29.03 -15.31
N ARG C 269 15.40 30.16 -15.86
CA ARG C 269 15.01 31.29 -15.05
C ARG C 269 13.53 31.38 -15.47
N VAL C 270 12.74 31.68 -14.43
CA VAL C 270 11.34 31.97 -14.64
C VAL C 270 11.16 33.45 -14.21
N ASP C 271 10.24 33.87 -13.37
CA ASP C 271 10.09 35.26 -12.97
C ASP C 271 11.11 35.87 -12.04
N GLU C 272 12.13 35.12 -11.60
CA GLU C 272 13.04 35.64 -10.57
C GLU C 272 14.10 36.65 -10.93
N ILE C 273 14.43 36.80 -12.19
CA ILE C 273 15.37 37.83 -12.62
C ILE C 273 14.62 38.56 -13.71
N ALA C 274 14.40 39.86 -13.55
CA ALA C 274 13.74 40.62 -14.57
C ALA C 274 14.67 40.73 -15.74
N THR C 275 14.22 40.63 -16.99
CA THR C 275 15.05 40.78 -18.16
C THR C 275 15.83 42.10 -18.17
N ASP C 276 15.45 43.15 -17.44
CA ASP C 276 16.21 44.38 -17.44
C ASP C 276 17.59 44.24 -16.79
N VAL C 277 17.80 43.16 -16.03
CA VAL C 277 19.10 42.88 -15.41
C VAL C 277 20.12 42.41 -16.46
N ASP C 278 19.58 41.86 -17.54
CA ASP C 278 20.33 41.33 -18.64
C ASP C 278 21.17 42.38 -19.33
N LYS C 279 20.79 43.63 -19.26
CA LYS C 279 21.54 44.64 -19.97
C LYS C 279 22.61 45.26 -19.06
N THR C 280 22.80 44.80 -17.82
CA THR C 280 23.76 45.45 -16.95
C THR C 280 25.13 44.80 -17.06
N PRO C 281 26.26 45.44 -16.70
CA PRO C 281 27.57 44.79 -16.60
C PRO C 281 27.72 43.67 -15.58
N HIS C 282 26.71 43.54 -14.70
CA HIS C 282 26.66 42.53 -13.66
C HIS C 282 26.07 41.19 -14.03
N ALA C 283 25.18 41.16 -15.03
CA ALA C 283 24.58 39.92 -15.50
C ALA C 283 25.61 39.01 -16.17
N TRP C 284 25.80 37.78 -15.68
CA TRP C 284 26.77 36.88 -16.26
C TRP C 284 26.25 35.46 -16.46
N TYR C 285 24.94 35.27 -16.38
CA TYR C 285 24.47 33.89 -16.51
C TYR C 285 24.59 33.19 -17.90
N PHE C 286 24.68 33.93 -19.00
CA PHE C 286 24.76 33.31 -20.31
C PHE C 286 26.23 32.97 -20.54
N GLN C 287 27.15 33.75 -19.98
CA GLN C 287 28.59 33.49 -20.08
C GLN C 287 28.88 32.20 -19.36
N GLN C 288 28.37 32.14 -18.15
CA GLN C 288 28.41 30.95 -17.32
C GLN C 288 27.93 29.73 -18.11
N ALA C 289 26.77 29.82 -18.82
CA ALA C 289 26.20 28.71 -19.58
C ALA C 289 27.16 28.29 -20.67
N GLY C 290 27.76 29.29 -21.33
CA GLY C 290 28.76 29.05 -22.36
C GLY C 290 29.94 28.30 -21.76
N ASN C 291 30.41 28.71 -20.60
CA ASN C 291 31.53 28.10 -19.91
C ASN C 291 31.35 26.63 -19.65
N GLY C 292 30.11 26.14 -19.69
CA GLY C 292 29.83 24.73 -19.57
C GLY C 292 30.55 23.85 -20.59
N ILE C 293 30.84 24.40 -21.77
CA ILE C 293 31.52 23.60 -22.77
C ILE C 293 32.92 23.29 -22.33
N PHE C 294 33.70 24.22 -21.83
CA PHE C 294 35.09 23.98 -21.47
C PHE C 294 35.23 23.09 -20.25
N ALA C 295 34.38 23.33 -19.24
CA ALA C 295 34.36 22.50 -18.05
C ALA C 295 34.03 21.06 -18.39
N ARG C 296 33.01 20.82 -19.22
CA ARG C 296 32.65 19.47 -19.60
C ARG C 296 33.66 18.80 -20.55
N GLN C 297 34.29 19.57 -21.45
CA GLN C 297 35.38 19.04 -22.27
C GLN C 297 36.52 18.63 -21.34
N ALA C 298 36.91 19.46 -20.33
CA ALA C 298 37.95 19.16 -19.35
C ALA C 298 37.67 17.91 -18.57
N LEU C 299 36.45 17.77 -18.03
CA LEU C 299 36.07 16.57 -17.28
C LEU C 299 36.24 15.34 -18.13
N LEU C 300 35.59 15.29 -19.29
CA LEU C 300 35.64 14.12 -20.14
C LEU C 300 37.07 13.72 -20.55
N ALA C 301 37.89 14.73 -20.87
CA ALA C 301 39.28 14.55 -21.26
C ALA C 301 40.07 13.74 -20.22
N LEU C 302 39.93 14.20 -18.98
CA LEU C 302 40.55 13.62 -17.80
C LEU C 302 40.06 12.21 -17.47
N VAL C 303 38.76 11.96 -17.48
CA VAL C 303 38.25 10.64 -17.13
C VAL C 303 38.68 9.62 -18.16
N LEU C 304 38.69 9.96 -19.45
CA LEU C 304 39.01 9.00 -20.48
C LEU C 304 40.45 9.03 -20.97
N ASN C 305 41.33 9.95 -20.56
CA ASN C 305 42.70 9.95 -20.99
C ASN C 305 43.66 9.78 -19.84
N ARG C 306 44.49 8.74 -19.90
CA ARG C 306 45.40 8.43 -18.77
C ARG C 306 46.34 9.60 -18.43
N ASP C 307 46.86 10.34 -19.41
CA ASP C 307 47.73 11.47 -19.18
C ASP C 307 47.38 12.51 -20.22
N LEU C 308 47.10 13.75 -19.86
CA LEU C 308 46.79 14.72 -20.89
C LEU C 308 48.06 15.55 -21.03
N VAL C 309 48.46 16.03 -22.22
CA VAL C 309 49.60 16.95 -22.32
C VAL C 309 48.92 17.87 -23.30
N LEU C 310 48.70 19.04 -22.70
CA LEU C 310 48.13 20.24 -23.28
C LEU C 310 48.55 21.34 -22.33
N GLY D 8 22.02 -20.95 37.36
CA GLY D 8 21.98 -19.53 37.12
C GLY D 8 20.50 -19.20 37.23
N VAL D 9 20.06 -18.03 36.81
CA VAL D 9 18.62 -17.77 36.78
C VAL D 9 18.32 -18.24 35.35
N GLU D 10 18.08 -19.57 35.32
CA GLU D 10 17.95 -20.44 34.16
C GLU D 10 19.40 -20.86 33.85
N ALA D 11 19.70 -21.68 32.83
CA ALA D 11 21.06 -22.16 32.58
C ALA D 11 21.24 -22.88 31.24
N ILE D 12 22.33 -22.57 30.55
CA ILE D 12 22.61 -23.16 29.24
C ILE D 12 24.09 -23.51 29.35
N LYS D 13 24.39 -24.63 28.70
CA LYS D 13 25.75 -25.11 28.61
C LYS D 13 26.34 -24.11 27.63
N ARG D 14 25.94 -24.08 26.35
CA ARG D 14 26.51 -23.07 25.46
C ARG D 14 25.36 -22.20 25.00
N GLY D 15 25.62 -20.96 24.61
CA GLY D 15 24.59 -20.11 24.10
C GLY D 15 24.87 -18.68 24.44
N THR D 16 23.92 -17.84 24.09
CA THR D 16 24.02 -16.45 24.41
C THR D 16 22.88 -16.06 25.34
N VAL D 17 23.15 -15.21 26.31
CA VAL D 17 22.05 -14.59 27.04
C VAL D 17 22.25 -13.09 26.80
N ILE D 18 21.18 -12.43 26.31
CA ILE D 18 21.17 -11.01 25.97
C ILE D 18 20.38 -10.44 27.13
N ASP D 19 21.12 -9.80 27.99
CA ASP D 19 20.54 -9.22 29.19
C ASP D 19 20.39 -7.71 29.01
N HIS D 20 19.76 -7.04 29.99
CA HIS D 20 19.60 -5.58 30.05
C HIS D 20 18.91 -4.96 28.86
N ILE D 21 17.91 -5.65 28.30
CA ILE D 21 17.17 -5.16 27.15
C ILE D 21 16.07 -4.23 27.66
N PRO D 22 15.85 -3.01 27.11
CA PRO D 22 14.78 -2.11 27.56
C PRO D 22 13.39 -2.71 27.37
N ALA D 23 12.49 -2.34 28.28
CA ALA D 23 11.11 -2.79 28.23
C ALA D 23 10.46 -2.51 26.88
N GLN D 24 9.76 -3.55 26.43
CA GLN D 24 9.14 -3.70 25.11
C GLN D 24 10.11 -3.94 23.97
N ILE D 25 11.39 -3.54 23.95
CA ILE D 25 12.30 -3.88 22.86
C ILE D 25 12.50 -5.38 22.66
N GLY D 26 12.51 -6.13 23.75
CA GLY D 26 12.73 -7.57 23.71
C GLY D 26 12.02 -8.33 22.59
N PHE D 27 10.71 -8.12 22.50
CA PHE D 27 9.89 -8.81 21.52
C PHE D 27 10.21 -8.33 20.11
N LYS D 28 10.50 -7.05 19.90
CA LYS D 28 10.81 -6.57 18.56
C LYS D 28 12.08 -7.27 18.17
N LEU D 29 13.08 -7.39 19.10
CA LEU D 29 14.34 -8.09 18.84
C LEU D 29 14.17 -9.54 18.42
N LEU D 30 13.31 -10.26 19.10
CA LEU D 30 12.98 -11.62 18.77
C LEU D 30 12.53 -11.69 17.31
N SER D 31 11.66 -10.74 16.94
CA SER D 31 11.14 -10.67 15.58
C SER D 31 12.21 -10.26 14.58
N LEU D 32 12.92 -9.16 14.85
CA LEU D 32 13.99 -8.66 14.01
C LEU D 32 15.06 -9.69 13.67
N PHE D 33 15.55 -10.39 14.67
CA PHE D 33 16.63 -11.33 14.47
C PHE D 33 16.09 -12.72 14.18
N LYS D 34 14.82 -12.84 13.80
CA LYS D 34 14.23 -14.10 13.38
C LYS D 34 14.53 -15.30 14.27
N LEU D 35 14.72 -15.02 15.58
CA LEU D 35 15.14 -16.00 16.58
C LEU D 35 14.15 -17.13 16.85
N THR D 36 12.95 -16.94 16.38
CA THR D 36 11.95 -17.96 16.48
C THR D 36 12.15 -19.09 15.46
N GLU D 37 12.94 -18.91 14.38
CA GLU D 37 13.13 -19.97 13.40
C GLU D 37 14.12 -21.03 13.95
N THR D 38 13.98 -21.60 15.13
CA THR D 38 15.04 -22.40 15.69
C THR D 38 14.40 -23.65 16.27
N ASP D 39 15.19 -24.58 16.81
CA ASP D 39 14.67 -25.75 17.47
C ASP D 39 15.25 -25.85 18.89
N GLN D 40 16.14 -24.96 19.33
CA GLN D 40 16.80 -25.15 20.61
C GLN D 40 16.06 -24.39 21.68
N ARG D 41 16.37 -24.58 22.96
CA ARG D 41 15.61 -23.97 24.03
C ARG D 41 15.75 -22.46 24.08
N ILE D 42 14.64 -21.71 24.12
CA ILE D 42 14.72 -20.27 24.30
C ILE D 42 13.90 -19.91 25.55
N THR D 43 14.43 -19.04 26.42
CA THR D 43 13.69 -18.53 27.56
C THR D 43 13.70 -17.02 27.38
N ILE D 44 12.51 -16.43 27.36
CA ILE D 44 12.34 -15.01 27.24
C ILE D 44 11.64 -14.58 28.53
N GLY D 45 12.30 -13.70 29.22
CA GLY D 45 11.82 -13.09 30.41
C GLY D 45 11.40 -11.68 30.03
N LEU D 46 10.10 -11.47 29.89
CA LEU D 46 9.56 -10.17 29.56
C LEU D 46 9.17 -9.46 30.84
N ASN D 47 9.73 -8.26 30.92
CA ASN D 47 9.40 -7.27 31.95
C ASN D 47 9.76 -7.71 33.36
N LEU D 48 11.06 -8.04 33.45
CA LEU D 48 11.74 -8.41 34.69
C LEU D 48 12.28 -7.15 35.42
N PRO D 49 12.47 -7.12 36.74
CA PRO D 49 13.16 -6.06 37.44
C PRO D 49 14.63 -5.86 37.02
N SER D 50 15.12 -4.62 37.11
CA SER D 50 16.49 -4.20 36.82
C SER D 50 16.65 -2.88 37.61
N GLY D 51 16.95 -2.93 38.91
CA GLY D 51 17.01 -1.80 39.88
C GLY D 51 17.11 -0.34 39.40
N GLU D 52 18.15 -0.02 38.63
CA GLU D 52 18.44 1.30 38.04
C GLU D 52 17.46 1.83 37.02
N MET D 53 16.82 0.90 36.32
CA MET D 53 15.86 1.24 35.30
C MET D 53 14.60 0.38 35.32
N GLY D 54 14.44 -0.36 36.40
CA GLY D 54 13.22 -1.08 36.68
C GLY D 54 12.87 -2.22 35.77
N ARG D 55 12.36 -1.97 34.57
CA ARG D 55 11.97 -3.09 33.74
C ARG D 55 12.95 -3.32 32.58
N LYS D 56 13.34 -4.59 32.49
CA LYS D 56 14.19 -5.08 31.42
C LYS D 56 13.59 -6.35 30.85
N ASP D 57 14.05 -6.75 29.68
CA ASP D 57 13.64 -7.98 29.03
C ASP D 57 14.89 -8.82 28.94
N LEU D 58 14.79 -10.14 28.85
CA LEU D 58 15.96 -11.01 28.85
C LEU D 58 15.70 -12.13 27.87
N ILE D 59 16.54 -12.35 26.88
CA ILE D 59 16.34 -13.44 25.94
C ILE D 59 17.50 -14.42 26.21
N LYS D 60 17.19 -15.73 26.21
CA LYS D 60 18.18 -16.78 26.41
C LYS D 60 18.07 -17.88 25.35
N ILE D 61 19.02 -17.89 24.42
CA ILE D 61 18.98 -18.79 23.32
C ILE D 61 20.04 -19.81 23.64
N GLU D 62 19.61 -21.06 23.75
CA GLU D 62 20.52 -22.17 24.01
C GLU D 62 21.23 -22.61 22.73
N ASN D 63 22.52 -22.82 22.92
CA ASN D 63 23.44 -23.30 21.92
C ASN D 63 23.27 -22.53 20.62
N THR D 64 23.35 -21.19 20.76
CA THR D 64 23.26 -20.23 19.64
C THR D 64 23.87 -18.84 19.97
N PHE D 65 24.64 -18.31 19.02
CA PHE D 65 25.35 -17.06 19.19
C PHE D 65 24.95 -16.12 18.09
N LEU D 66 24.99 -14.83 18.36
CA LEU D 66 24.62 -13.83 17.38
C LEU D 66 25.64 -13.54 16.28
N SER D 67 25.25 -13.43 15.01
CA SER D 67 26.16 -13.05 13.96
C SER D 67 26.39 -11.53 13.98
N GLU D 68 27.59 -11.10 13.57
CA GLU D 68 28.02 -9.70 13.54
C GLU D 68 26.99 -8.58 13.38
N ASP D 69 26.29 -8.69 12.25
CA ASP D 69 25.21 -7.78 11.89
C ASP D 69 24.20 -7.60 13.00
N GLN D 70 23.75 -8.69 13.61
CA GLN D 70 22.77 -8.60 14.68
C GLN D 70 23.31 -7.83 15.85
N VAL D 71 24.60 -8.02 16.17
CA VAL D 71 25.20 -7.31 17.29
C VAL D 71 25.34 -5.80 17.00
N ASP D 72 25.55 -5.44 15.73
CA ASP D 72 25.55 -4.04 15.30
C ASP D 72 24.17 -3.38 15.29
N GLN D 73 23.18 -4.20 14.92
CA GLN D 73 21.80 -3.79 14.96
C GLN D 73 21.46 -3.57 16.42
N LEU D 74 21.81 -4.52 17.28
CA LEU D 74 21.57 -4.49 18.71
C LEU D 74 22.09 -3.20 19.27
N ALA D 75 23.25 -2.72 18.80
CA ALA D 75 23.78 -1.43 19.23
C ALA D 75 22.82 -0.26 18.97
N LEU D 76 22.15 -0.26 17.82
CA LEU D 76 21.20 0.76 17.42
C LEU D 76 19.80 0.54 17.99
N TYR D 77 19.45 -0.70 18.37
CA TYR D 77 18.13 -0.94 18.95
C TYR D 77 18.10 -1.02 20.47
N ALA D 78 19.15 -1.49 21.09
CA ALA D 78 19.20 -1.67 22.53
C ALA D 78 20.63 -1.49 23.04
N PRO D 79 21.24 -0.28 23.08
CA PRO D 79 22.64 -0.06 23.51
C PRO D 79 23.02 -0.54 24.92
N GLN D 80 21.98 -0.58 25.76
CA GLN D 80 22.11 -1.03 27.15
C GLN D 80 22.46 -2.52 27.24
N ALA D 81 21.93 -3.28 26.26
CA ALA D 81 22.00 -4.72 26.25
C ALA D 81 23.41 -5.26 26.34
N THR D 82 23.55 -6.41 26.96
CA THR D 82 24.87 -7.06 27.03
C THR D 82 24.70 -8.48 26.53
N VAL D 83 25.52 -8.81 25.53
CA VAL D 83 25.49 -10.15 24.99
C VAL D 83 26.52 -10.90 25.82
N ASN D 84 26.06 -12.01 26.38
CA ASN D 84 26.92 -12.89 27.16
C ASN D 84 27.07 -14.23 26.46
N ARG D 85 28.34 -14.46 26.09
CA ARG D 85 28.81 -15.66 25.42
C ARG D 85 29.02 -16.67 26.52
N ILE D 86 28.19 -17.69 26.54
CA ILE D 86 28.25 -18.75 27.55
C ILE D 86 28.74 -20.01 26.85
N ASP D 87 29.74 -20.65 27.45
CA ASP D 87 30.21 -21.91 26.95
C ASP D 87 30.48 -22.77 28.16
N ASN D 88 29.79 -23.91 28.16
CA ASN D 88 29.82 -24.88 29.25
C ASN D 88 29.61 -24.16 30.58
N TYR D 89 28.48 -23.47 30.67
CA TYR D 89 28.01 -22.70 31.82
C TYR D 89 28.95 -21.57 32.23
N GLU D 90 30.17 -21.49 31.71
CA GLU D 90 31.08 -20.44 32.05
C GLU D 90 30.65 -19.26 31.15
N VAL D 91 30.60 -18.06 31.70
CA VAL D 91 30.35 -16.83 30.96
C VAL D 91 31.72 -16.58 30.33
N VAL D 92 31.93 -17.07 29.13
CA VAL D 92 33.21 -16.93 28.49
C VAL D 92 33.46 -15.47 28.15
N GLY D 93 32.38 -14.76 27.81
CA GLY D 93 32.47 -13.35 27.48
C GLY D 93 31.19 -12.58 27.73
N LYS D 94 31.34 -11.28 28.02
CA LYS D 94 30.26 -10.37 28.31
C LYS D 94 30.74 -9.10 27.61
N SER D 95 29.95 -8.76 26.60
CA SER D 95 30.21 -7.69 25.65
C SER D 95 28.97 -6.81 25.41
N ARG D 96 29.22 -5.51 25.54
CA ARG D 96 28.22 -4.48 25.36
C ARG D 96 28.50 -3.98 23.95
N PRO D 97 27.56 -3.83 23.03
CA PRO D 97 27.80 -3.38 21.66
C PRO D 97 28.25 -1.93 21.54
N SER D 98 28.85 -1.59 20.41
CA SER D 98 29.21 -0.21 20.15
C SER D 98 28.69 0.04 18.75
N LEU D 99 28.40 1.29 18.42
CA LEU D 99 27.80 1.59 17.13
C LEU D 99 28.72 1.29 15.98
N PRO D 100 28.29 0.69 14.86
CA PRO D 100 29.19 0.46 13.73
C PRO D 100 29.41 1.67 12.81
N GLU D 101 30.22 1.45 11.79
CA GLU D 101 30.44 2.48 10.80
C GLU D 101 29.21 2.62 9.87
N ARG D 102 28.65 1.48 9.44
CA ARG D 102 27.59 1.45 8.42
C ARG D 102 26.53 0.43 8.82
N ILE D 103 25.25 0.58 8.50
CA ILE D 103 24.24 -0.45 8.72
C ILE D 103 23.77 -0.83 7.31
N ASP D 104 23.73 -2.08 6.89
CA ASP D 104 23.28 -2.45 5.56
C ASP D 104 21.99 -3.25 5.61
N ASN D 105 21.25 -3.31 4.49
CA ASN D 105 20.02 -4.07 4.29
C ASN D 105 18.91 -4.34 5.31
N VAL D 106 18.79 -3.62 6.42
CA VAL D 106 17.60 -3.72 7.24
C VAL D 106 17.01 -2.35 7.39
N LEU D 107 17.75 -1.25 7.26
CA LEU D 107 17.11 0.05 7.47
C LEU D 107 16.39 0.49 6.19
N VAL D 108 15.26 1.22 6.24
CA VAL D 108 14.63 1.69 4.98
C VAL D 108 14.71 3.23 4.98
N CYS D 109 15.09 3.82 3.83
CA CYS D 109 15.37 5.25 3.77
C CYS D 109 14.10 6.06 3.91
N PRO D 110 14.09 7.05 4.82
CA PRO D 110 12.98 7.98 4.94
C PRO D 110 12.66 8.76 3.66
N ASN D 111 13.66 8.94 2.79
CA ASN D 111 13.40 9.74 1.61
C ASN D 111 12.56 8.93 0.64
N SER D 112 11.32 9.34 0.48
CA SER D 112 10.40 8.71 -0.44
C SER D 112 10.89 8.68 -1.87
N ASN D 113 11.74 9.61 -2.32
CA ASN D 113 12.15 9.66 -3.72
C ASN D 113 13.54 9.11 -3.86
N CYS D 114 13.92 8.23 -2.94
CA CYS D 114 15.24 7.63 -2.98
C CYS D 114 15.23 6.53 -4.05
N ILE D 115 16.40 6.17 -4.57
CA ILE D 115 16.40 5.15 -5.62
C ILE D 115 16.36 3.80 -4.94
N SER D 116 16.70 3.70 -3.67
CA SER D 116 16.85 2.43 -3.00
C SER D 116 15.55 1.63 -3.02
N HIS D 117 14.43 2.34 -2.99
CA HIS D 117 13.11 1.75 -2.95
C HIS D 117 12.69 0.93 -4.16
N ALA D 118 13.03 1.41 -5.33
CA ALA D 118 12.60 0.83 -6.59
C ALA D 118 13.60 -0.13 -7.25
N GLU D 119 14.83 -0.23 -6.77
CA GLU D 119 15.80 -1.02 -7.48
C GLU D 119 16.39 -2.10 -6.60
N PRO D 120 16.82 -3.26 -7.13
CA PRO D 120 17.44 -4.36 -6.37
C PRO D 120 18.74 -3.99 -5.66
N VAL D 121 18.72 -3.14 -4.64
CA VAL D 121 19.91 -2.80 -3.91
C VAL D 121 19.66 -2.87 -2.42
N SER D 122 20.71 -3.33 -1.75
CA SER D 122 20.76 -3.36 -0.30
C SER D 122 20.96 -1.90 0.06
N SER D 123 20.15 -1.39 0.99
CA SER D 123 20.28 -0.05 1.51
C SER D 123 21.57 -0.01 2.32
N SER D 124 22.11 1.15 2.62
CA SER D 124 23.25 1.21 3.47
C SER D 124 23.22 2.59 4.07
N PHE D 125 23.53 2.66 5.35
CA PHE D 125 23.50 3.90 6.08
C PHE D 125 24.81 4.09 6.82
N ALA D 126 25.39 5.29 6.71
CA ALA D 126 26.59 5.69 7.43
C ALA D 126 26.15 6.21 8.80
N VAL D 127 26.84 5.81 9.87
CA VAL D 127 26.46 6.19 11.25
C VAL D 127 27.33 7.28 11.90
N ARG D 128 26.83 8.51 11.90
CA ARG D 128 27.50 9.62 12.53
C ARG D 128 26.84 9.64 13.90
N LYS D 129 27.65 9.48 14.94
CA LYS D 129 27.18 9.54 16.31
C LYS D 129 27.13 11.03 16.67
N ARG D 130 25.95 11.62 16.62
CA ARG D 130 25.83 13.02 16.97
C ARG D 130 25.68 13.06 18.49
N ALA D 131 26.12 14.19 19.09
CA ALA D 131 25.93 14.46 20.53
C ALA D 131 24.49 14.35 21.02
N ASN D 132 23.55 14.56 20.08
CA ASN D 132 22.16 14.54 20.44
C ASN D 132 21.59 13.16 20.19
N ASP D 133 22.03 12.43 19.14
CA ASP D 133 21.42 11.16 18.75
C ASP D 133 22.25 10.55 17.65
N ILE D 134 21.77 9.51 16.96
CA ILE D 134 22.46 8.89 15.83
C ILE D 134 21.99 9.47 14.48
N ALA D 135 22.87 10.06 13.67
CA ALA D 135 22.51 10.61 12.37
C ALA D 135 22.92 9.53 11.41
N LEU D 136 22.01 9.08 10.52
CA LEU D 136 22.29 7.99 9.58
C LEU D 136 22.22 8.54 8.20
N LYS D 137 23.24 8.36 7.37
CA LYS D 137 23.23 8.94 6.04
C LYS D 137 23.02 7.87 4.99
N CYS D 138 22.05 8.04 4.08
CA CYS D 138 21.80 7.08 3.05
C CYS D 138 22.97 7.08 2.06
N LYS D 139 23.29 5.87 1.61
CA LYS D 139 24.32 5.60 0.62
C LYS D 139 23.99 6.20 -0.71
N TYR D 140 22.68 6.16 -1.05
CA TYR D 140 22.23 6.55 -2.34
C TYR D 140 21.83 8.01 -2.37
N CYS D 141 20.76 8.38 -1.68
CA CYS D 141 20.29 9.73 -1.89
C CYS D 141 21.05 10.80 -1.14
N GLU D 142 21.97 10.32 -0.30
CA GLU D 142 22.87 11.11 0.52
C GLU D 142 22.22 12.00 1.58
N LYS D 143 20.92 11.86 1.83
CA LYS D 143 20.29 12.56 2.93
C LYS D 143 20.67 11.88 4.27
N GLU D 144 20.81 12.73 5.26
CA GLU D 144 21.17 12.30 6.59
C GLU D 144 19.94 12.41 7.45
N PHE D 145 19.60 11.44 8.26
CA PHE D 145 18.36 11.53 9.00
C PHE D 145 18.63 11.24 10.47
N SER D 146 17.65 11.62 11.33
CA SER D 146 17.72 11.30 12.74
C SER D 146 17.38 9.83 12.87
N HIS D 147 18.06 9.08 13.75
CA HIS D 147 17.78 7.64 13.85
C HIS D 147 16.38 7.33 14.37
N ASN D 148 15.80 8.36 14.95
CA ASN D 148 14.45 8.30 15.42
C ASN D 148 13.51 8.12 14.25
N VAL D 149 13.82 8.91 13.21
CA VAL D 149 13.02 8.96 11.99
C VAL D 149 13.17 7.66 11.25
N VAL D 150 14.44 7.25 11.11
CA VAL D 150 14.79 6.04 10.39
C VAL D 150 14.22 4.81 11.08
N LEU D 151 14.12 4.80 12.41
CA LEU D 151 13.65 3.59 13.05
C LEU D 151 12.16 3.64 13.33
N ALA D 152 11.43 4.54 12.68
CA ALA D 152 10.00 4.67 12.89
C ALA D 152 9.28 3.38 12.50
N ASN D 153 9.06 2.58 13.54
CA ASN D 153 8.31 1.35 13.43
C ASN D 153 6.82 1.66 13.59
O4 GLC E . -27.53 -9.15 -14.22
C1 GLC E . -27.45 -8.10 -13.58
C2 GLC E . -28.54 -7.74 -12.55
C3 GLC E . -28.06 -7.75 -11.10
C4 GLC E . -28.09 -8.79 -10.46
O3 GLC E . -27.67 -6.70 -10.61
O5 GLC E . -26.52 -7.32 -13.76
O4 GLC F . 16.80 25.09 -11.81
C1 GLC F . 17.04 24.19 -12.59
C2 GLC F . 18.48 23.77 -12.85
C3 GLC F . 18.72 22.28 -12.65
C4 GLC F . 19.27 21.90 -11.60
O3 GLC F . 18.36 21.49 -13.55
O5 GLC F . 16.16 23.60 -13.22
P PCT G . -31.20 -3.89 -12.58
O1P PCT G . -29.63 -3.93 -12.70
O2P PCT G . -31.88 -3.31 -13.89
O3P PCT G . -31.71 -3.13 -11.30
C1P PCT G . -31.73 -5.67 -12.51
C1 PCT G . -31.53 -6.43 -11.21
O1 PCT G . -31.11 -5.95 -10.16
N1 PCT G . -31.83 -7.72 -11.27
ZN ZN H . -15.39 -10.19 4.00
PG ATP I . -0.12 -31.71 33.35
O1G ATP I . 1.01 -32.63 32.71
O2G ATP I . 0.11 -30.18 33.06
O3G ATP I . -1.53 -32.14 32.77
PB ATP I . 1.27 -31.55 35.74
O1B ATP I . 1.94 -32.91 36.14
O2B ATP I . 2.25 -30.69 34.84
O3B ATP I . -0.16 -31.94 34.99
PA ATP I . 0.24 -29.27 36.66
O1A ATP I . -0.19 -28.41 37.93
O2A ATP I . -0.99 -29.60 35.71
O3A ATP I . 0.97 -30.68 37.11
O5' ATP I . 1.26 -28.32 35.78
C5' ATP I . 0.81 -26.99 35.51
C4' ATP I . 1.73 -26.24 34.58
O4' ATP I . 1.62 -24.88 34.98
C3' ATP I . 3.19 -26.63 34.78
O3' ATP I . 3.86 -26.39 33.55
C2' ATP I . 3.68 -25.63 35.86
O2' ATP I . 4.92 -25.02 35.54
C1' ATP I . 2.69 -24.49 35.81
N9 ATP I . 2.34 -24.08 37.17
C8 ATP I . 1.34 -24.52 37.88
N7 ATP I . 1.18 -23.85 39.00
C5 ATP I . 2.17 -22.94 39.00
C6 ATP I . 2.52 -21.85 39.75
N6 ATP I . 1.86 -21.51 40.86
N1 ATP I . 3.54 -21.07 39.28
C2 ATP I . 4.17 -21.37 38.16
N3 ATP I . 3.93 -22.38 37.38
C4 ATP I . 2.91 -23.10 37.85
P PCT J . 18.87 22.06 -17.85
O1P PCT J . 17.60 21.29 -17.47
O2P PCT J . 18.64 23.05 -19.08
O3P PCT J . 20.05 21.08 -18.13
C1P PCT J . 19.27 23.19 -16.46
C1 PCT J . 20.51 22.86 -15.69
O1 PCT J . 20.83 21.70 -15.43
N1 PCT J . 21.24 23.88 -15.23
ZN ZN K . 17.88 7.35 0.49
#